data_3NC1
#
_entry.id   3NC1
#
_cell.length_a   156.802
_cell.length_b   216.158
_cell.length_c   123.818
_cell.angle_alpha   90.000
_cell.angle_beta   90.000
_cell.angle_gamma   90.000
#
_symmetry.space_group_name_H-M   'C 2 2 21'
#
loop_
_entity.id
_entity.type
_entity.pdbx_description
1 polymer 'GTP-binding nuclear protein Ran'
2 polymer Exportin-1
3 non-polymer "GUANOSINE-5'-TRIPHOSPHATE"
4 non-polymer 'MAGNESIUM ION'
#
loop_
_entity_poly.entity_id
_entity_poly.type
_entity_poly.pdbx_seq_one_letter_code
_entity_poly.pdbx_strand_id
1 'polypeptide(L)'
;GSMAAQGEPQVQFKLVLVGDGGTGKTTFVKRHLTGEFEKKYVATLGVEVHPLVFHTNRGPIKFNVWDTAGLEKFGGLRDG
YYIQAQCAIIMFDVTSRVTYKNVPNWHRDLVRVCENIPIVLCGNKVDIKDRKVKAKSIVFHRKKNLQYYDISAKSNYNFE
KPFLWLARKLIGDPNLEFVAMP
;
C
2 'polypeptide(L)'
;GSMPAIMTMLADHAARQLLDFSQKLDINLLDNVVNCLYHGEGAQQRMAQEVLTHLKEHPDAWTRVDTILEFSQNMNTKYY
GLQILENVIKTRWKILPRNQCEGIKKYVVGLIIKTSSDPTCVEKEKVYIGKLNMILVQILKQEWPKHWPTFISDIVGASR
TSESLCQNNMVILKLLSEEVFDFSSGQITQVKAKHLKDSMCNEFSQIFQLCQFVMENSQNAPLVHATLETLLRFLNWIPL
GYIFETKLISTLIYKFLNVPMFRNVSLKCLTEIAGVSVSQYEEQFETLFTLTMMQLKQMLPLNTNIRLAYSNGKDDEQNF
IQNLSLFLCTFLKEHGQLLEKRLNLREALMEALHYMLLVSEVEETEIFKICLEYWNHLAAELYRESPFSTSASPLLSGSQ
HFDIPPRRQLYLTVLSKVRLLMVSRMAKPEEVLVVENDQGEVVREFMKDTDSINLYKNMRETLVYLTHLDYVDTEIIMTK
KLQNQVNGTEWSWKNLNTLCWAIGSISGAMHEEDEKRFLVTVIKDLLGLCEQKRGKDNKAIIASNIMYIVGQYPRFLRAH
WKFLKTVVNKLFEFMHETHDGVQDMACDTFIKIAQKCRRHFVQVQVGEVMPFIDEILNNINTIICDLQPQQVHTFYEAVG
YMIGAQTDQTVQEHLIEKYMLLPNQVWDSIIQQATKNVDILKDPETVKQLGSILKTNVRACKAVGHPFVIQLGRIYLDML
NVYKCLSENISAAIQANGEMVTKQPLIRSMRTVKRETLKLISGWVSRSNDPQMVAENFVPPLLDAVLIDYQRNVPAAREP
EVLSTMAIIVNKLGGHITAEIPQIFDAVFECTLNMINKDFEEYPEHRTNFFLLLQAVNSHCFPAFLAIPPAQFKLVLDSI
IWAFKHTMRNVADTGLQILFTLLQNVAQEEAAAQSFYQTYFCDILQHIFSVVTDTSHTAGLTMHASILAYMFNLVEEGKI
STPLNPGNPVNNQMFIQDYVANLLKSAFPHLQDAQVKLFVTGLFSLNQDIPAFKEHLRDFLVQIKEFAGEDTSDLFLEER
ETALRQAQEEKHKLQMSVPGILNPHEIPEEMCD
;
A
#
loop_
_chem_comp.id
_chem_comp.type
_chem_comp.name
_chem_comp.formula
GTP non-polymer GUANOSINE-5'-TRIPHOSPHATE 'C10 H16 N5 O14 P3'
MG non-polymer 'MAGNESIUM ION' 'Mg 2'
#
# COMPACT_ATOMS: atom_id res chain seq x y z
N GLN A 10 11.36 8.98 -31.97
CA GLN A 10 12.21 8.53 -30.89
C GLN A 10 12.00 7.05 -30.59
N VAL A 11 12.36 6.64 -29.37
CA VAL A 11 12.20 5.26 -28.95
C VAL A 11 11.06 5.12 -27.95
N GLN A 12 10.19 4.15 -28.18
CA GLN A 12 9.04 3.93 -27.31
C GLN A 12 8.94 2.48 -26.85
N PHE A 13 8.46 2.30 -25.62
CA PHE A 13 8.32 0.96 -25.05
C PHE A 13 6.89 0.70 -24.57
N LYS A 14 6.46 -0.55 -24.64
CA LYS A 14 5.14 -0.93 -24.18
C LYS A 14 5.15 -1.20 -22.68
N LEU A 15 4.69 -0.22 -21.90
CA LEU A 15 4.61 -0.37 -20.45
C LEU A 15 3.26 -0.96 -20.06
N VAL A 16 3.28 -1.99 -19.23
CA VAL A 16 2.04 -2.64 -18.79
C VAL A 16 1.74 -2.33 -17.33
N LEU A 17 0.69 -1.54 -17.10
CA LEU A 17 0.30 -1.15 -15.74
C LEU A 17 -0.87 -1.98 -15.23
N VAL A 18 -0.59 -2.83 -14.22
CA VAL A 18 -1.61 -3.70 -13.66
C VAL A 18 -1.67 -3.58 -12.14
N GLY A 19 -2.60 -4.31 -11.53
CA GLY A 19 -2.82 -4.26 -10.09
C GLY A 19 -4.30 -4.30 -9.75
N ASP A 20 -4.62 -4.55 -8.49
CA ASP A 20 -6.01 -4.61 -8.05
C ASP A 20 -6.80 -3.36 -8.40
N GLY A 21 -8.12 -3.43 -8.23
CA GLY A 21 -8.99 -2.33 -8.56
C GLY A 21 -9.03 -1.24 -7.50
N GLY A 22 -9.40 -0.03 -7.90
CA GLY A 22 -9.43 1.10 -7.00
C GLY A 22 -8.05 1.42 -6.46
N THR A 23 -7.04 0.76 -7.01
CA THR A 23 -5.66 0.94 -6.56
C THR A 23 -5.14 2.34 -6.86
N GLY A 24 -5.47 2.86 -8.04
CA GLY A 24 -5.06 4.21 -8.42
C GLY A 24 -4.25 4.21 -9.69
N LYS A 25 -4.30 3.10 -10.42
CA LYS A 25 -3.51 2.94 -11.63
C LYS A 25 -3.77 4.04 -12.67
N THR A 26 -5.05 4.34 -12.91
CA THR A 26 -5.42 5.34 -13.91
C THR A 26 -5.21 6.76 -13.39
N THR A 27 -5.60 7.00 -12.14
CA THR A 27 -5.38 8.29 -11.51
C THR A 27 -3.91 8.69 -11.61
N PHE A 28 -3.03 7.69 -11.60
CA PHE A 28 -1.61 7.91 -11.70
C PHE A 28 -1.23 8.36 -13.11
N VAL A 29 -1.62 7.57 -14.10
CA VAL A 29 -1.33 7.89 -15.49
C VAL A 29 -1.89 9.26 -15.88
N LYS A 30 -3.09 9.57 -15.39
CA LYS A 30 -3.72 10.86 -15.65
C LYS A 30 -2.88 12.02 -15.13
N ARG A 31 -2.28 11.84 -13.95
CA ARG A 31 -1.46 12.88 -13.35
C ARG A 31 -0.18 13.12 -14.15
N HIS A 32 0.31 12.06 -14.79
CA HIS A 32 1.49 12.19 -15.65
C HIS A 32 1.08 12.71 -17.03
N LEU A 33 -0.14 12.37 -17.44
CA LEU A 33 -0.63 12.71 -18.77
C LEU A 33 -1.09 14.16 -18.87
N THR A 34 -1.81 14.63 -17.85
CA THR A 34 -2.34 15.98 -17.86
C THR A 34 -2.14 16.71 -16.54
N GLY A 35 -1.42 16.09 -15.62
CA GLY A 35 -1.16 16.68 -14.32
C GLY A 35 -2.42 16.82 -13.48
N GLU A 36 -3.50 16.23 -13.95
CA GLU A 36 -4.78 16.29 -13.23
C GLU A 36 -4.89 15.14 -12.23
N PHE A 37 -5.54 15.42 -11.10
CA PHE A 37 -5.79 14.38 -10.10
C PHE A 37 -7.25 13.98 -10.06
N GLU A 38 -7.53 12.75 -10.44
CA GLU A 38 -8.89 12.23 -10.41
C GLU A 38 -9.26 11.85 -8.98
N LYS A 39 -10.32 12.48 -8.47
CA LYS A 39 -10.75 12.25 -7.10
C LYS A 39 -11.78 11.13 -7.01
N LYS A 40 -12.38 10.80 -8.15
CA LYS A 40 -13.43 9.79 -8.21
C LYS A 40 -12.93 8.46 -8.78
N TYR A 41 -13.67 7.40 -8.51
CA TYR A 41 -13.32 6.07 -8.99
C TYR A 41 -14.22 5.64 -10.14
N VAL A 42 -13.63 5.46 -11.31
CA VAL A 42 -14.35 4.95 -12.47
C VAL A 42 -13.55 3.82 -13.11
N ALA A 43 -13.79 2.61 -12.64
CA ALA A 43 -13.06 1.43 -13.10
C ALA A 43 -12.86 1.39 -14.60
N THR A 44 -11.61 1.48 -15.04
CA THR A 44 -11.28 1.37 -16.47
C THR A 44 -11.63 -0.02 -16.99
N LEU A 45 -12.22 -0.07 -18.18
CA LEU A 45 -12.67 -1.33 -18.77
C LEU A 45 -11.59 -1.94 -19.65
N GLY A 46 -11.36 -3.24 -19.49
CA GLY A 46 -10.39 -3.96 -20.29
C GLY A 46 -9.01 -3.35 -20.23
N VAL A 47 -8.73 -2.42 -21.13
CA VAL A 47 -7.43 -1.76 -21.18
C VAL A 47 -7.48 -0.44 -21.93
N GLU A 48 -7.13 0.64 -21.23
CA GLU A 48 -6.97 1.94 -21.86
C GLU A 48 -5.49 2.24 -22.04
N VAL A 49 -5.07 2.52 -23.26
CA VAL A 49 -3.66 2.75 -23.55
C VAL A 49 -3.36 4.19 -23.92
N HIS A 50 -2.64 4.89 -23.05
CA HIS A 50 -2.26 6.28 -23.29
C HIS A 50 -0.74 6.38 -23.35
N PRO A 51 -0.21 7.14 -24.32
CA PRO A 51 1.23 7.34 -24.44
C PRO A 51 1.76 8.39 -23.45
N LEU A 52 2.77 8.01 -22.66
CA LEU A 52 3.40 8.94 -21.72
C LEU A 52 4.84 9.22 -22.12
N VAL A 53 5.16 10.50 -22.34
CA VAL A 53 6.49 10.87 -22.79
C VAL A 53 7.23 11.78 -21.80
N PHE A 54 8.35 11.28 -21.29
CA PHE A 54 9.30 12.11 -20.56
C PHE A 54 10.58 12.13 -21.37
N HIS A 55 11.29 13.26 -21.37
CA HIS A 55 12.57 13.33 -22.04
C HIS A 55 13.68 13.26 -21.00
N THR A 56 14.82 12.68 -21.38
CA THR A 56 15.94 12.54 -20.46
C THR A 56 17.11 13.41 -20.91
N ASN A 57 18.22 13.30 -20.19
CA ASN A 57 19.43 14.04 -20.55
C ASN A 57 20.01 13.55 -21.86
N ARG A 58 19.54 12.38 -22.30
CA ARG A 58 20.02 11.77 -23.53
C ARG A 58 18.90 11.59 -24.56
N GLY A 59 17.91 12.47 -24.53
CA GLY A 59 16.81 12.40 -25.45
C GLY A 59 15.52 11.94 -24.82
N PRO A 60 14.39 12.15 -25.50
CA PRO A 60 13.06 11.81 -24.99
C PRO A 60 12.71 10.33 -25.13
N ILE A 61 12.00 9.80 -24.13
CA ILE A 61 11.52 8.43 -24.16
C ILE A 61 10.00 8.43 -24.20
N LYS A 62 9.41 7.37 -24.74
CA LYS A 62 7.96 7.29 -24.89
C LYS A 62 7.40 5.98 -24.35
N PHE A 63 6.60 6.07 -23.29
CA PHE A 63 5.98 4.90 -22.69
C PHE A 63 4.51 4.77 -23.10
N ASN A 64 4.23 3.91 -24.05
CA ASN A 64 2.84 3.58 -24.38
C ASN A 64 2.22 2.73 -23.28
N VAL A 65 1.64 3.40 -22.29
CA VAL A 65 1.13 2.72 -21.10
C VAL A 65 -0.15 1.93 -21.36
N TRP A 66 -0.15 0.66 -20.96
CA TRP A 66 -1.32 -0.19 -21.10
C TRP A 66 -2.04 -0.35 -19.77
N ASP A 67 -2.66 0.73 -19.31
CA ASP A 67 -3.46 0.71 -18.09
C ASP A 67 -4.56 -0.34 -18.21
N THR A 68 -4.46 -1.41 -17.41
CA THR A 68 -5.42 -2.50 -17.49
C THR A 68 -6.50 -2.41 -16.42
N ALA A 69 -7.45 -3.33 -16.48
CA ALA A 69 -8.54 -3.38 -15.51
C ALA A 69 -8.17 -4.27 -14.33
N GLY A 70 -8.54 -3.82 -13.13
CA GLY A 70 -8.23 -4.56 -11.92
C GLY A 70 -9.39 -5.44 -11.48
N LEU A 71 -10.59 -4.87 -11.51
CA LEU A 71 -11.79 -5.62 -11.12
C LEU A 71 -11.94 -6.87 -11.96
N GLU A 72 -12.14 -8.00 -11.30
CA GLU A 72 -12.27 -9.29 -11.98
C GLU A 72 -13.37 -9.24 -13.03
N LYS A 73 -14.42 -8.50 -12.74
CA LYS A 73 -15.56 -8.38 -13.65
C LYS A 73 -15.20 -7.80 -15.01
N PHE A 74 -14.38 -6.76 -15.01
CA PHE A 74 -14.04 -6.06 -16.24
C PHE A 74 -12.66 -6.48 -16.77
N GLY A 75 -12.21 -7.66 -16.37
CA GLY A 75 -10.91 -8.17 -16.76
C GLY A 75 -10.60 -8.00 -18.24
N GLY A 76 -11.48 -8.53 -19.10
CA GLY A 76 -11.28 -8.47 -20.52
C GLY A 76 -10.38 -9.59 -21.02
N LEU A 77 -9.31 -9.23 -21.71
CA LEU A 77 -8.35 -10.21 -22.21
C LEU A 77 -7.11 -10.24 -21.31
N ARG A 78 -7.34 -10.39 -20.01
CA ARG A 78 -6.28 -10.34 -18.99
C ARG A 78 -4.86 -10.49 -19.55
N ASP A 79 -4.35 -11.72 -19.52
CA ASP A 79 -2.97 -11.99 -19.91
C ASP A 79 -2.68 -11.73 -21.38
N GLY A 80 -3.73 -11.43 -22.15
CA GLY A 80 -3.56 -11.12 -23.56
C GLY A 80 -2.95 -9.76 -23.80
N TYR A 81 -3.11 -8.86 -22.84
CA TYR A 81 -2.57 -7.51 -22.95
C TYR A 81 -1.08 -7.48 -22.70
N TYR A 82 -0.57 -8.51 -22.03
CA TYR A 82 0.83 -8.54 -21.60
C TYR A 82 1.79 -8.84 -22.74
N ILE A 83 1.27 -9.40 -23.83
CA ILE A 83 2.10 -9.81 -24.96
C ILE A 83 2.80 -8.65 -25.65
N GLN A 84 4.07 -8.83 -25.97
CA GLN A 84 4.86 -7.82 -26.68
C GLN A 84 5.18 -6.61 -25.80
N ALA A 85 5.41 -6.86 -24.51
CA ALA A 85 5.73 -5.79 -23.58
C ALA A 85 7.23 -5.75 -23.28
N GLN A 86 7.78 -4.54 -23.19
CA GLN A 86 9.18 -4.35 -22.85
C GLN A 86 9.39 -4.28 -21.34
N CYS A 87 8.46 -3.63 -20.65
CA CYS A 87 8.54 -3.50 -19.20
C CYS A 87 7.18 -3.71 -18.56
N ALA A 88 7.07 -3.41 -17.27
CA ALA A 88 5.80 -3.59 -16.55
C ALA A 88 5.78 -2.91 -15.18
N ILE A 89 4.57 -2.65 -14.69
CA ILE A 89 4.37 -2.08 -13.37
C ILE A 89 3.32 -2.85 -12.60
N ILE A 90 3.53 -3.04 -11.30
CA ILE A 90 2.53 -3.64 -10.44
C ILE A 90 2.22 -2.70 -9.29
N MET A 91 0.94 -2.46 -9.05
CA MET A 91 0.54 -1.48 -8.05
C MET A 91 -0.47 -2.00 -7.04
N PHE A 92 -0.32 -1.57 -5.79
CA PHE A 92 -1.28 -1.89 -4.74
C PHE A 92 -1.56 -0.65 -3.90
N ASP A 93 -2.52 -0.76 -2.98
CA ASP A 93 -2.94 0.37 -2.15
C ASP A 93 -2.47 0.19 -0.71
N VAL A 94 -1.69 1.13 -0.22
CA VAL A 94 -1.15 1.05 1.14
C VAL A 94 -2.21 1.27 2.21
N THR A 95 -3.46 1.45 1.80
CA THR A 95 -4.55 1.63 2.73
C THR A 95 -5.48 0.41 2.73
N SER A 96 -5.20 -0.54 1.84
CA SER A 96 -5.98 -1.76 1.76
C SER A 96 -5.07 -2.98 1.71
N ARG A 97 -4.95 -3.67 2.84
CA ARG A 97 -4.08 -4.83 2.95
C ARG A 97 -4.38 -5.87 1.87
N VAL A 98 -5.59 -5.81 1.32
CA VAL A 98 -6.01 -6.75 0.29
C VAL A 98 -5.25 -6.53 -1.01
N THR A 99 -5.17 -5.28 -1.45
CA THR A 99 -4.52 -4.93 -2.70
C THR A 99 -3.09 -5.49 -2.76
N TYR A 100 -2.45 -5.59 -1.60
CA TYR A 100 -1.10 -6.14 -1.52
C TYR A 100 -1.13 -7.66 -1.61
N LYS A 101 -2.01 -8.27 -0.82
CA LYS A 101 -2.10 -9.73 -0.74
C LYS A 101 -2.19 -10.39 -2.11
N ASN A 102 -2.73 -9.65 -3.09
CA ASN A 102 -2.92 -10.21 -4.43
C ASN A 102 -1.79 -9.87 -5.41
N VAL A 103 -0.75 -9.21 -4.92
CA VAL A 103 0.40 -8.89 -5.76
C VAL A 103 1.07 -10.12 -6.37
N PRO A 104 1.27 -11.18 -5.56
CA PRO A 104 1.89 -12.40 -6.08
C PRO A 104 1.12 -12.94 -7.30
N ASN A 105 -0.19 -12.74 -7.31
CA ASN A 105 -1.03 -13.22 -8.40
C ASN A 105 -0.83 -12.41 -9.68
N TRP A 106 -1.01 -11.09 -9.59
CA TRP A 106 -0.77 -10.22 -10.73
C TRP A 106 0.62 -10.49 -11.31
N HIS A 107 1.57 -10.71 -10.41
CA HIS A 107 2.93 -11.05 -10.81
C HIS A 107 2.95 -12.36 -11.59
N ARG A 108 2.36 -13.40 -11.01
CA ARG A 108 2.32 -14.72 -11.62
C ARG A 108 1.94 -14.67 -13.11
N ASP A 109 0.68 -14.34 -13.39
CA ASP A 109 0.17 -14.34 -14.75
C ASP A 109 1.02 -13.47 -15.67
N LEU A 110 1.67 -12.46 -15.10
CA LEU A 110 2.48 -11.54 -15.88
C LEU A 110 3.79 -12.19 -16.35
N VAL A 111 4.49 -12.82 -15.43
CA VAL A 111 5.78 -13.43 -15.74
C VAL A 111 5.63 -14.73 -16.52
N ARG A 112 4.40 -15.22 -16.61
CA ARG A 112 4.13 -16.39 -17.44
C ARG A 112 4.03 -16.01 -18.90
N VAL A 113 3.57 -14.78 -19.16
CA VAL A 113 3.56 -14.23 -20.51
C VAL A 113 4.94 -13.70 -20.87
N CYS A 114 5.36 -12.66 -20.15
CA CYS A 114 6.69 -12.11 -20.30
C CYS A 114 7.58 -12.59 -19.16
N GLU A 115 8.39 -13.61 -19.43
CA GLU A 115 9.16 -14.29 -18.39
C GLU A 115 10.44 -13.53 -17.99
N ASN A 116 10.69 -12.40 -18.64
CA ASN A 116 11.87 -11.59 -18.32
C ASN A 116 11.75 -10.14 -18.78
N ILE A 117 11.25 -9.28 -17.89
CA ILE A 117 11.13 -7.86 -18.16
C ILE A 117 11.34 -7.04 -16.88
N PRO A 118 11.90 -5.84 -17.02
CA PRO A 118 12.07 -4.92 -15.89
C PRO A 118 10.72 -4.61 -15.24
N ILE A 119 10.58 -4.94 -13.96
CA ILE A 119 9.30 -4.76 -13.27
C ILE A 119 9.43 -3.88 -12.03
N VAL A 120 8.52 -2.92 -11.90
CA VAL A 120 8.47 -2.04 -10.74
C VAL A 120 7.27 -2.40 -9.89
N LEU A 121 7.41 -2.21 -8.57
CA LEU A 121 6.32 -2.44 -7.64
C LEU A 121 6.04 -1.16 -6.85
N CYS A 122 4.82 -0.65 -6.96
CA CYS A 122 4.46 0.62 -6.33
C CYS A 122 3.37 0.48 -5.27
N GLY A 123 3.45 1.32 -4.26
CA GLY A 123 2.42 1.39 -3.24
C GLY A 123 1.85 2.80 -3.19
N ASN A 124 0.64 2.96 -3.72
CA ASN A 124 0.02 4.27 -3.85
C ASN A 124 -0.75 4.70 -2.60
N LYS A 125 -0.99 6.00 -2.48
CA LYS A 125 -1.71 6.57 -1.34
C LYS A 125 -0.87 6.60 -0.06
N VAL A 126 0.45 6.75 -0.22
CA VAL A 126 1.34 6.82 0.93
C VAL A 126 1.19 8.18 1.64
N ASP A 127 0.35 9.04 1.08
CA ASP A 127 0.12 10.36 1.64
C ASP A 127 -0.93 10.30 2.75
N ILE A 128 -1.72 9.24 2.75
CA ILE A 128 -2.78 9.06 3.74
C ILE A 128 -2.22 8.70 5.11
N LYS A 129 -2.45 9.57 6.07
CA LYS A 129 -1.92 9.42 7.43
C LYS A 129 -2.03 8.00 7.96
N ASP A 130 -3.25 7.45 7.94
CA ASP A 130 -3.50 6.12 8.48
C ASP A 130 -3.10 5.02 7.49
N ARG A 131 -1.81 4.91 7.26
CA ARG A 131 -1.26 3.86 6.41
C ARG A 131 -1.64 2.50 7.00
N LYS A 132 -2.11 1.59 6.14
CA LYS A 132 -2.54 0.27 6.61
C LYS A 132 -1.49 -0.80 6.32
N VAL A 133 -0.96 -0.79 5.10
CA VAL A 133 0.11 -1.71 4.74
C VAL A 133 1.45 -1.15 5.22
N LYS A 134 1.74 -1.34 6.51
CA LYS A 134 2.96 -0.80 7.11
C LYS A 134 4.19 -1.15 6.28
N ALA A 135 4.99 -0.13 5.99
CA ALA A 135 6.15 -0.27 5.10
C ALA A 135 7.10 -1.40 5.50
N LYS A 136 7.14 -1.72 6.79
CA LYS A 136 8.05 -2.73 7.30
C LYS A 136 7.57 -4.15 7.03
N SER A 137 6.60 -4.29 6.12
CA SER A 137 6.04 -5.61 5.80
C SER A 137 5.96 -5.84 4.30
N ILE A 138 6.60 -4.96 3.53
CA ILE A 138 6.61 -5.08 2.07
C ILE A 138 7.90 -5.75 1.61
N VAL A 139 7.88 -7.07 1.48
CA VAL A 139 9.08 -7.85 1.19
C VAL A 139 8.88 -8.89 0.08
N PHE A 140 7.85 -8.72 -0.74
CA PHE A 140 7.59 -9.65 -1.82
C PHE A 140 8.64 -9.54 -2.92
N HIS A 141 9.04 -8.32 -3.24
CA HIS A 141 9.95 -8.06 -4.34
C HIS A 141 11.37 -8.54 -4.07
N ARG A 142 11.68 -8.85 -2.81
CA ARG A 142 13.01 -9.31 -2.45
C ARG A 142 13.46 -10.49 -3.31
N LYS A 143 12.88 -11.65 -3.07
CA LYS A 143 13.30 -12.88 -3.72
C LYS A 143 12.87 -12.96 -5.18
N LYS A 144 12.03 -12.02 -5.61
CA LYS A 144 11.56 -12.00 -6.99
C LYS A 144 12.39 -11.03 -7.83
N ASN A 145 13.47 -10.52 -7.25
CA ASN A 145 14.36 -9.59 -7.93
C ASN A 145 13.62 -8.45 -8.61
N LEU A 146 12.78 -7.77 -7.84
CA LEU A 146 12.04 -6.62 -8.35
C LEU A 146 12.52 -5.33 -7.69
N GLN A 147 12.04 -4.20 -8.19
CA GLN A 147 12.32 -2.90 -7.59
C GLN A 147 11.04 -2.37 -6.98
N TYR A 148 11.17 -1.60 -5.90
CA TYR A 148 10.01 -1.06 -5.20
C TYR A 148 10.13 0.42 -4.87
N TYR A 149 9.01 1.13 -4.94
CA TYR A 149 8.94 2.53 -4.54
C TYR A 149 7.70 2.78 -3.70
N ASP A 150 7.57 4.01 -3.19
CA ASP A 150 6.45 4.36 -2.35
C ASP A 150 5.75 5.60 -2.89
N ILE A 151 5.11 5.47 -4.05
CA ILE A 151 4.53 6.61 -4.74
C ILE A 151 3.24 7.13 -4.11
N SER A 152 2.82 8.32 -4.55
CA SER A 152 1.58 8.93 -4.10
C SER A 152 0.99 9.77 -5.24
N ALA A 153 0.03 9.21 -5.95
CA ALA A 153 -0.55 9.86 -7.11
C ALA A 153 -1.14 11.24 -6.80
N LYS A 154 -1.38 11.52 -5.53
CA LYS A 154 -1.97 12.79 -5.13
C LYS A 154 -0.91 13.82 -4.74
N SER A 155 0.14 13.37 -4.07
CA SER A 155 1.20 14.26 -3.62
C SER A 155 2.39 14.27 -4.57
N ASN A 156 2.55 13.18 -5.32
CA ASN A 156 3.65 13.02 -6.27
C ASN A 156 4.93 12.49 -5.63
N TYR A 157 4.79 11.91 -4.44
CA TYR A 157 5.92 11.29 -3.76
C TYR A 157 6.53 10.22 -4.66
N ASN A 158 7.81 10.37 -4.98
CA ASN A 158 8.46 9.48 -5.94
C ASN A 158 7.64 9.37 -7.22
N PHE A 159 7.19 10.52 -7.72
CA PHE A 159 6.32 10.58 -8.89
C PHE A 159 6.89 9.82 -10.08
N GLU A 160 8.09 10.22 -10.51
CA GLU A 160 8.68 9.70 -11.74
C GLU A 160 9.61 8.52 -11.48
N LYS A 161 9.96 8.30 -10.22
CA LYS A 161 10.92 7.25 -9.86
C LYS A 161 10.60 5.88 -10.45
N PRO A 162 9.31 5.51 -10.55
CA PRO A 162 8.97 4.24 -11.20
C PRO A 162 9.34 4.25 -12.68
N PHE A 163 9.17 5.39 -13.34
CA PHE A 163 9.50 5.51 -14.76
C PHE A 163 10.99 5.70 -14.96
N LEU A 164 11.59 6.61 -14.19
CA LEU A 164 13.02 6.86 -14.27
C LEU A 164 13.79 5.55 -14.15
N TRP A 165 13.38 4.73 -13.18
CA TRP A 165 14.02 3.44 -12.95
C TRP A 165 13.90 2.54 -14.17
N LEU A 166 12.71 2.50 -14.76
CA LEU A 166 12.47 1.68 -15.95
C LEU A 166 13.22 2.22 -17.16
N ALA A 167 13.37 3.54 -17.23
CA ALA A 167 14.07 4.18 -18.33
C ALA A 167 15.48 3.64 -18.46
N ARG A 168 16.14 3.48 -17.32
CA ARG A 168 17.52 2.98 -17.28
C ARG A 168 17.57 1.50 -17.62
N LYS A 169 16.77 0.70 -16.92
CA LYS A 169 16.78 -0.74 -17.06
C LYS A 169 16.55 -1.19 -18.51
N LEU A 170 16.01 -0.29 -19.33
CA LEU A 170 15.72 -0.61 -20.72
C LEU A 170 16.81 -0.10 -21.66
N ILE A 171 17.31 1.10 -21.40
CA ILE A 171 18.32 1.71 -22.25
C ILE A 171 19.70 1.12 -21.97
N GLY A 172 19.99 0.87 -20.70
CA GLY A 172 21.28 0.34 -20.29
C GLY A 172 22.18 1.42 -19.72
N ASP A 173 21.60 2.58 -19.44
CA ASP A 173 22.34 3.70 -18.89
C ASP A 173 21.88 4.04 -17.48
N PRO A 174 22.59 3.51 -16.47
CA PRO A 174 22.30 3.76 -15.05
C PRO A 174 22.60 5.20 -14.65
N ASN A 175 22.69 6.08 -15.64
CA ASN A 175 22.98 7.50 -15.38
C ASN A 175 21.89 8.38 -15.99
N LEU A 176 20.80 7.77 -16.42
CA LEU A 176 19.73 8.49 -17.09
C LEU A 176 18.99 9.40 -16.12
N GLU A 177 18.61 10.58 -16.59
CA GLU A 177 17.96 11.59 -15.75
C GLU A 177 16.86 12.36 -16.48
N PHE A 178 15.73 12.57 -15.81
CA PHE A 178 14.67 13.42 -16.32
C PHE A 178 15.01 14.87 -16.00
N VAL A 179 14.67 15.78 -16.91
CA VAL A 179 15.13 17.17 -16.79
C VAL A 179 14.04 18.24 -16.90
N ALA A 180 13.11 18.06 -17.84
CA ALA A 180 12.03 19.02 -18.11
C ALA A 180 12.35 19.95 -19.28
N MET A 181 13.37 19.58 -20.05
CA MET A 181 13.72 20.26 -21.31
C MET A 181 12.49 20.57 -22.17
N PRO A 182 12.69 21.35 -23.26
CA PRO A 182 11.60 21.71 -24.16
C PRO A 182 10.70 20.52 -24.52
N ASP B 12 -9.49 3.56 -39.60
CA ASP B 12 -8.63 2.87 -40.54
C ASP B 12 -9.41 1.98 -41.50
N HIS B 13 -9.75 0.78 -41.04
CA HIS B 13 -10.45 -0.18 -41.90
C HIS B 13 -11.67 -0.80 -41.22
N ALA B 14 -11.47 -1.38 -40.03
CA ALA B 14 -12.53 -2.08 -39.33
C ALA B 14 -13.58 -1.14 -38.74
N ALA B 15 -14.85 -1.44 -38.98
CA ALA B 15 -15.96 -0.68 -38.43
C ALA B 15 -16.81 -1.57 -37.55
N ARG B 16 -17.76 -0.98 -36.83
CA ARG B 16 -18.56 -1.72 -35.86
C ARG B 16 -19.21 -2.97 -36.44
N GLN B 17 -19.59 -2.91 -37.72
CA GLN B 17 -20.16 -4.07 -38.40
C GLN B 17 -19.12 -5.17 -38.57
N LEU B 18 -19.08 -6.10 -37.61
CA LEU B 18 -18.13 -7.19 -37.65
C LEU B 18 -18.81 -8.54 -37.44
N LEU B 19 -18.73 -9.39 -38.45
CA LEU B 19 -19.35 -10.70 -38.42
C LEU B 19 -18.67 -11.62 -37.41
N ASP B 20 -19.48 -12.26 -36.57
CA ASP B 20 -18.94 -13.20 -35.58
C ASP B 20 -19.99 -14.21 -35.11
N PHE B 21 -20.76 -14.73 -36.06
CA PHE B 21 -21.74 -15.78 -35.77
C PHE B 21 -22.22 -16.47 -37.04
N SER B 22 -22.39 -17.79 -36.95
CA SER B 22 -22.87 -18.60 -38.06
C SER B 22 -22.00 -18.45 -39.32
N GLN B 23 -20.72 -18.15 -39.12
CA GLN B 23 -19.79 -17.99 -40.24
C GLN B 23 -18.35 -18.26 -39.81
N LYS B 24 -17.43 -18.21 -40.78
CA LYS B 24 -16.02 -18.41 -40.50
C LYS B 24 -15.14 -17.48 -41.34
N LEU B 25 -14.75 -16.35 -40.76
CA LEU B 25 -13.89 -15.40 -41.45
C LEU B 25 -12.53 -15.32 -40.76
N ASP B 26 -11.78 -16.41 -40.83
CA ASP B 26 -10.48 -16.52 -40.16
C ASP B 26 -9.52 -15.42 -40.58
N ILE B 27 -9.36 -15.24 -41.89
CA ILE B 27 -8.35 -14.33 -42.43
C ILE B 27 -8.43 -12.91 -41.88
N ASN B 28 -9.60 -12.54 -41.34
CA ASN B 28 -9.78 -11.18 -40.83
C ASN B 28 -9.72 -11.09 -39.31
N LEU B 29 -9.93 -12.22 -38.63
CA LEU B 29 -9.78 -12.26 -37.18
C LEU B 29 -8.41 -11.77 -36.78
N LEU B 30 -7.43 -12.03 -37.66
CA LEU B 30 -6.07 -11.56 -37.46
C LEU B 30 -6.03 -10.05 -37.45
N ASP B 31 -6.68 -9.45 -38.44
CA ASP B 31 -6.73 -8.00 -38.57
C ASP B 31 -7.28 -7.33 -37.31
N ASN B 32 -7.93 -8.12 -36.46
CA ASN B 32 -8.42 -7.63 -35.18
C ASN B 32 -7.31 -7.55 -34.14
N VAL B 33 -6.63 -8.68 -33.92
CA VAL B 33 -5.54 -8.74 -32.95
C VAL B 33 -4.36 -7.88 -33.39
N VAL B 34 -4.11 -7.85 -34.69
CA VAL B 34 -3.04 -7.02 -35.26
C VAL B 34 -3.50 -5.58 -35.28
N ASN B 35 -4.74 -5.36 -34.87
CA ASN B 35 -5.28 -4.01 -34.74
C ASN B 35 -5.49 -3.68 -33.27
N CYS B 36 -5.29 -4.68 -32.42
CA CYS B 36 -5.43 -4.51 -30.98
C CYS B 36 -4.05 -4.35 -30.34
N LEU B 37 -3.16 -5.28 -30.64
CA LEU B 37 -1.81 -5.27 -30.09
C LEU B 37 -0.86 -4.46 -30.97
N TYR B 38 -1.39 -3.89 -32.05
CA TYR B 38 -0.56 -3.15 -33.00
C TYR B 38 -1.19 -1.82 -33.43
N HIS B 39 -1.41 -1.68 -34.74
CA HIS B 39 -1.92 -0.46 -35.35
C HIS B 39 -2.84 0.37 -34.47
N GLY B 40 -3.76 -0.30 -33.78
CA GLY B 40 -4.70 0.37 -32.91
C GLY B 40 -4.06 1.49 -32.10
N GLU B 41 -4.33 2.73 -32.51
CA GLU B 41 -3.80 3.88 -31.81
C GLU B 41 -4.75 4.33 -30.70
N GLY B 42 -6.00 3.87 -30.78
CA GLY B 42 -7.00 4.22 -29.79
C GLY B 42 -8.38 3.71 -30.17
N ALA B 43 -9.09 4.48 -30.99
CA ALA B 43 -10.44 4.15 -31.41
C ALA B 43 -10.53 2.74 -32.00
N GLN B 44 -9.43 2.31 -32.64
CA GLN B 44 -9.40 1.00 -33.28
C GLN B 44 -9.38 -0.14 -32.28
N GLN B 45 -8.43 -0.10 -31.35
CA GLN B 45 -8.26 -1.16 -30.38
C GLN B 45 -9.32 -1.14 -29.28
N ARG B 46 -9.87 0.04 -29.00
CA ARG B 46 -10.93 0.16 -28.01
C ARG B 46 -12.10 -0.72 -28.41
N MET B 47 -12.30 -0.86 -29.72
CA MET B 47 -13.30 -1.76 -30.26
C MET B 47 -12.71 -3.15 -30.40
N ALA B 48 -11.51 -3.22 -30.96
CA ALA B 48 -10.84 -4.49 -31.21
C ALA B 48 -10.87 -5.39 -29.99
N GLN B 49 -10.67 -4.81 -28.81
CA GLN B 49 -10.71 -5.58 -27.57
C GLN B 49 -12.14 -5.96 -27.22
N GLU B 50 -13.08 -5.05 -27.45
CA GLU B 50 -14.48 -5.29 -27.14
C GLU B 50 -15.06 -6.43 -27.95
N VAL B 51 -14.86 -6.38 -29.27
CA VAL B 51 -15.36 -7.41 -30.17
C VAL B 51 -14.74 -8.77 -29.84
N LEU B 52 -13.50 -8.75 -29.36
CA LEU B 52 -12.83 -9.97 -28.95
C LEU B 52 -13.26 -10.39 -27.55
N THR B 53 -13.53 -9.41 -26.70
CA THR B 53 -13.98 -9.67 -25.35
C THR B 53 -15.34 -10.37 -25.34
N HIS B 54 -16.24 -9.90 -26.19
CA HIS B 54 -17.60 -10.43 -26.24
C HIS B 54 -17.71 -11.71 -27.06
N LEU B 55 -16.58 -12.17 -27.61
CA LEU B 55 -16.55 -13.42 -28.34
C LEU B 55 -16.13 -14.56 -27.42
N LYS B 56 -15.64 -14.20 -26.23
CA LYS B 56 -15.17 -15.18 -25.27
C LYS B 56 -16.30 -15.89 -24.54
N GLU B 57 -17.24 -15.12 -23.99
CA GLU B 57 -18.35 -15.69 -23.23
C GLU B 57 -19.45 -16.25 -24.14
N HIS B 58 -19.45 -15.84 -25.40
CA HIS B 58 -20.35 -16.44 -26.39
C HIS B 58 -20.10 -17.95 -26.42
N PRO B 59 -21.05 -18.72 -25.85
CA PRO B 59 -20.91 -20.16 -25.60
C PRO B 59 -20.55 -21.00 -26.82
N ASP B 60 -19.33 -21.51 -26.85
CA ASP B 60 -18.88 -22.48 -27.86
C ASP B 60 -17.40 -22.79 -27.73
N ALA B 61 -17.08 -24.03 -27.34
CA ALA B 61 -15.70 -24.45 -27.21
C ALA B 61 -15.15 -24.88 -28.57
N TRP B 62 -15.91 -25.70 -29.28
CA TRP B 62 -15.52 -26.21 -30.59
C TRP B 62 -15.07 -25.10 -31.54
N THR B 63 -15.56 -23.88 -31.30
CA THR B 63 -15.27 -22.76 -32.18
C THR B 63 -13.77 -22.48 -32.31
N ARG B 64 -13.00 -22.91 -31.31
CA ARG B 64 -11.57 -22.63 -31.26
C ARG B 64 -10.76 -23.55 -32.17
N VAL B 65 -11.33 -24.70 -32.52
CA VAL B 65 -10.63 -25.70 -33.32
C VAL B 65 -10.02 -25.10 -34.58
N ASP B 66 -10.80 -24.32 -35.31
CA ASP B 66 -10.36 -23.76 -36.59
C ASP B 66 -9.31 -22.68 -36.40
N THR B 67 -9.26 -22.08 -35.22
CA THR B 67 -8.30 -21.01 -34.93
C THR B 67 -6.87 -21.50 -35.07
N ILE B 68 -6.65 -22.77 -34.72
CA ILE B 68 -5.32 -23.36 -34.78
C ILE B 68 -5.22 -24.38 -35.91
N LEU B 69 -6.30 -25.14 -36.12
CA LEU B 69 -6.35 -26.10 -37.22
C LEU B 69 -6.06 -25.36 -38.52
N GLU B 70 -6.65 -24.18 -38.66
CA GLU B 70 -6.39 -23.30 -39.79
C GLU B 70 -5.50 -22.17 -39.31
N PHE B 71 -4.39 -22.52 -38.65
CA PHE B 71 -3.53 -21.53 -38.02
C PHE B 71 -3.17 -20.39 -38.97
N SER B 72 -2.83 -19.24 -38.40
CA SER B 72 -2.62 -18.03 -39.19
C SER B 72 -1.33 -17.32 -38.83
N GLN B 73 -0.39 -18.05 -38.24
CA GLN B 73 0.90 -17.50 -37.83
C GLN B 73 0.75 -16.28 -36.92
N ASN B 74 -0.47 -16.07 -36.42
CA ASN B 74 -0.72 -15.01 -35.46
C ASN B 74 -0.84 -15.57 -34.05
N MET B 75 0.28 -15.65 -33.36
CA MET B 75 0.34 -16.20 -32.01
C MET B 75 -0.60 -15.43 -31.09
N ASN B 76 -1.01 -14.26 -31.53
CA ASN B 76 -2.00 -13.47 -30.80
C ASN B 76 -3.36 -14.17 -30.83
N THR B 77 -3.84 -14.46 -32.03
CA THR B 77 -5.12 -15.14 -32.22
C THR B 77 -5.11 -16.51 -31.56
N LYS B 78 -4.01 -17.25 -31.74
CA LYS B 78 -3.89 -18.59 -31.17
C LYS B 78 -3.90 -18.52 -29.65
N TYR B 79 -3.18 -17.54 -29.09
CA TYR B 79 -3.17 -17.32 -27.66
C TYR B 79 -4.57 -16.93 -27.20
N TYR B 80 -5.24 -16.12 -28.03
CA TYR B 80 -6.60 -15.70 -27.75
C TYR B 80 -7.56 -16.89 -27.81
N GLY B 81 -7.37 -17.74 -28.81
CA GLY B 81 -8.17 -18.95 -28.93
C GLY B 81 -7.90 -19.90 -27.77
N LEU B 82 -6.68 -19.85 -27.25
CA LEU B 82 -6.31 -20.65 -26.10
C LEU B 82 -7.06 -20.20 -24.86
N GLN B 83 -7.18 -18.88 -24.69
CA GLN B 83 -7.95 -18.31 -23.59
C GLN B 83 -9.40 -18.76 -23.68
N ILE B 84 -9.92 -18.78 -24.90
CA ILE B 84 -11.27 -19.25 -25.16
C ILE B 84 -11.46 -20.69 -24.68
N LEU B 85 -10.44 -21.51 -24.87
CA LEU B 85 -10.48 -22.91 -24.46
C LEU B 85 -10.29 -23.03 -22.95
N GLU B 86 -9.27 -22.38 -22.43
CA GLU B 86 -9.01 -22.37 -20.99
C GLU B 86 -10.26 -21.92 -20.25
N ASN B 87 -10.95 -20.94 -20.83
CA ASN B 87 -12.21 -20.46 -20.28
C ASN B 87 -13.23 -21.59 -20.16
N VAL B 88 -13.43 -22.31 -21.27
CA VAL B 88 -14.37 -23.42 -21.31
C VAL B 88 -14.06 -24.46 -20.24
N ILE B 89 -12.78 -24.70 -19.99
CA ILE B 89 -12.35 -25.69 -19.02
C ILE B 89 -12.56 -25.21 -17.59
N LYS B 90 -12.21 -23.95 -17.33
CA LYS B 90 -12.28 -23.39 -15.98
C LYS B 90 -13.72 -23.10 -15.55
N THR B 91 -14.66 -23.20 -16.48
CA THR B 91 -16.03 -22.81 -16.21
C THR B 91 -17.02 -23.96 -16.28
N ARG B 92 -16.80 -24.89 -17.21
CA ARG B 92 -17.76 -25.96 -17.44
C ARG B 92 -17.16 -27.22 -18.05
N TRP B 93 -16.13 -27.75 -17.39
CA TRP B 93 -15.51 -29.00 -17.82
C TRP B 93 -16.35 -30.20 -17.38
N LYS B 94 -17.19 -29.99 -16.37
CA LYS B 94 -17.96 -31.07 -15.78
C LYS B 94 -19.20 -31.43 -16.61
N ILE B 95 -19.53 -30.59 -17.59
CA ILE B 95 -20.71 -30.83 -18.41
C ILE B 95 -20.37 -31.18 -19.86
N LEU B 96 -19.15 -31.65 -20.08
CA LEU B 96 -18.75 -32.14 -21.40
C LEU B 96 -18.73 -33.66 -21.41
N PRO B 97 -19.58 -34.28 -22.25
CA PRO B 97 -19.59 -35.73 -22.37
C PRO B 97 -18.19 -36.27 -22.66
N ARG B 98 -17.88 -37.44 -22.12
CA ARG B 98 -16.53 -37.99 -22.20
C ARG B 98 -15.94 -38.01 -23.61
N ASN B 99 -16.80 -38.14 -24.62
CA ASN B 99 -16.34 -38.16 -26.00
C ASN B 99 -15.62 -36.86 -26.35
N GLN B 100 -16.05 -35.77 -25.72
CA GLN B 100 -15.45 -34.46 -25.97
C GLN B 100 -14.25 -34.22 -25.06
N CYS B 101 -14.30 -34.74 -23.85
CA CYS B 101 -13.19 -34.63 -22.91
C CYS B 101 -11.90 -35.16 -23.53
N GLU B 102 -11.99 -36.34 -24.13
CA GLU B 102 -10.84 -36.94 -24.80
C GLU B 102 -10.55 -36.18 -26.10
N GLY B 103 -11.60 -35.66 -26.73
CA GLY B 103 -11.44 -34.86 -27.93
C GLY B 103 -10.58 -33.64 -27.65
N ILE B 104 -10.62 -33.19 -26.40
CA ILE B 104 -9.80 -32.06 -25.97
C ILE B 104 -8.47 -32.56 -25.44
N LYS B 105 -8.52 -33.47 -24.48
CA LYS B 105 -7.32 -34.03 -23.87
C LYS B 105 -6.30 -34.50 -24.91
N LYS B 106 -6.74 -35.40 -25.79
CA LYS B 106 -5.86 -35.96 -26.81
C LYS B 106 -5.35 -34.88 -27.77
N TYR B 107 -6.17 -33.85 -28.00
CA TYR B 107 -5.79 -32.77 -28.91
C TYR B 107 -4.89 -31.75 -28.24
N VAL B 108 -5.10 -31.53 -26.95
CA VAL B 108 -4.29 -30.58 -26.19
C VAL B 108 -2.84 -31.06 -26.07
N VAL B 109 -2.68 -32.31 -25.65
CA VAL B 109 -1.34 -32.90 -25.50
C VAL B 109 -0.72 -33.17 -26.87
N GLY B 110 -1.57 -33.35 -27.88
CA GLY B 110 -1.11 -33.61 -29.23
C GLY B 110 -0.42 -32.40 -29.83
N LEU B 111 -1.09 -31.26 -29.75
CA LEU B 111 -0.54 -30.00 -30.26
C LEU B 111 0.58 -29.49 -29.38
N ILE B 112 0.83 -30.17 -28.27
CA ILE B 112 1.94 -29.82 -27.39
C ILE B 112 3.22 -30.51 -27.84
N ILE B 113 3.17 -31.82 -28.02
CA ILE B 113 4.35 -32.58 -28.40
C ILE B 113 4.80 -32.21 -29.83
N LYS B 114 3.84 -32.02 -30.71
CA LYS B 114 4.13 -31.69 -32.10
C LYS B 114 4.74 -30.29 -32.25
N THR B 115 4.96 -29.62 -31.12
CA THR B 115 5.54 -28.28 -31.13
C THR B 115 6.59 -28.10 -30.04
N SER B 116 6.53 -28.92 -29.00
CA SER B 116 7.48 -28.83 -27.89
C SER B 116 8.72 -29.67 -28.17
N SER B 117 8.55 -30.75 -28.92
CA SER B 117 9.66 -31.62 -29.28
C SER B 117 10.45 -31.02 -30.44
N ASP B 118 9.83 -30.10 -31.16
CA ASP B 118 10.48 -29.44 -32.28
C ASP B 118 11.64 -28.58 -31.78
N PRO B 119 12.88 -29.00 -32.09
CA PRO B 119 14.10 -28.33 -31.62
C PRO B 119 14.16 -26.86 -32.03
N THR B 120 13.54 -26.52 -33.15
CA THR B 120 13.58 -25.16 -33.67
C THR B 120 12.56 -24.26 -32.98
N CYS B 121 11.86 -24.80 -31.98
CA CYS B 121 10.89 -24.03 -31.22
C CYS B 121 11.53 -23.40 -29.98
N VAL B 122 12.65 -22.72 -30.18
CA VAL B 122 13.35 -22.05 -29.09
C VAL B 122 12.81 -20.64 -28.90
N GLU B 123 12.70 -19.90 -29.99
CA GLU B 123 12.15 -18.54 -29.95
C GLU B 123 10.70 -18.55 -30.42
N LYS B 124 10.26 -19.71 -30.93
CA LYS B 124 8.89 -19.86 -31.42
C LYS B 124 7.87 -19.76 -30.30
N GLU B 125 7.68 -18.55 -29.79
CA GLU B 125 6.70 -18.29 -28.75
C GLU B 125 6.95 -19.07 -27.46
N LYS B 126 7.68 -18.46 -26.53
CA LYS B 126 7.84 -19.05 -25.20
C LYS B 126 6.54 -18.86 -24.44
N VAL B 127 5.71 -17.95 -24.94
CA VAL B 127 4.42 -17.66 -24.32
C VAL B 127 3.39 -18.72 -24.70
N TYR B 128 3.23 -18.92 -26.01
CA TYR B 128 2.31 -19.92 -26.53
C TYR B 128 2.60 -21.28 -25.91
N ILE B 129 3.85 -21.70 -25.98
CA ILE B 129 4.28 -22.97 -25.40
C ILE B 129 3.86 -23.07 -23.94
N GLY B 130 3.93 -21.95 -23.24
CA GLY B 130 3.56 -21.89 -21.84
C GLY B 130 2.07 -21.99 -21.62
N LYS B 131 1.30 -21.35 -22.50
CA LYS B 131 -0.16 -21.36 -22.39
C LYS B 131 -0.71 -22.78 -22.47
N LEU B 132 -0.33 -23.50 -23.52
CA LEU B 132 -0.75 -24.88 -23.68
C LEU B 132 -0.52 -25.68 -22.40
N ASN B 133 0.62 -25.42 -21.74
CA ASN B 133 0.93 -26.05 -20.48
C ASN B 133 -0.11 -25.70 -19.42
N MET B 134 -0.37 -24.41 -19.25
CA MET B 134 -1.38 -23.94 -18.30
C MET B 134 -2.74 -24.55 -18.60
N ILE B 135 -3.08 -24.62 -19.89
CA ILE B 135 -4.33 -25.25 -20.31
C ILE B 135 -4.35 -26.72 -19.93
N LEU B 136 -3.24 -27.39 -20.11
CA LEU B 136 -3.12 -28.80 -19.75
C LEU B 136 -3.20 -28.95 -18.23
N VAL B 137 -2.53 -28.06 -17.50
CA VAL B 137 -2.60 -28.06 -16.05
C VAL B 137 -4.02 -27.77 -15.58
N GLN B 138 -4.74 -26.97 -16.36
CA GLN B 138 -6.14 -26.68 -16.05
C GLN B 138 -7.01 -27.92 -16.15
N ILE B 139 -6.78 -28.72 -17.18
CA ILE B 139 -7.48 -29.99 -17.32
C ILE B 139 -7.19 -30.87 -16.12
N LEU B 140 -5.94 -30.88 -15.70
CA LEU B 140 -5.51 -31.68 -14.56
C LEU B 140 -6.21 -31.24 -13.28
N LYS B 141 -6.34 -29.93 -13.09
CA LYS B 141 -7.02 -29.41 -11.91
C LYS B 141 -8.48 -29.84 -11.90
N GLN B 142 -9.12 -29.81 -13.07
CA GLN B 142 -10.51 -30.23 -13.19
C GLN B 142 -10.67 -31.73 -12.94
N GLU B 143 -9.62 -32.49 -13.24
CA GLU B 143 -9.65 -33.94 -13.09
C GLU B 143 -8.28 -34.56 -13.34
N TRP B 144 -7.65 -35.06 -12.28
CA TRP B 144 -6.35 -35.71 -12.37
C TRP B 144 -6.29 -37.01 -11.58
N PRO B 145 -6.64 -36.96 -10.28
CA PRO B 145 -6.68 -38.19 -9.48
C PRO B 145 -7.91 -39.03 -9.83
N LYS B 146 -9.02 -38.35 -10.09
CA LYS B 146 -10.27 -39.01 -10.44
C LYS B 146 -10.07 -39.90 -11.65
N HIS B 147 -10.16 -39.31 -12.84
CA HIS B 147 -9.85 -40.02 -14.08
C HIS B 147 -8.43 -39.64 -14.47
N TRP B 148 -7.86 -40.37 -15.44
CA TRP B 148 -6.53 -40.04 -15.94
C TRP B 148 -5.48 -40.17 -14.84
N PRO B 149 -5.49 -41.32 -14.12
CA PRO B 149 -4.60 -41.53 -12.98
C PRO B 149 -3.17 -41.85 -13.40
N THR B 150 -3.01 -42.32 -14.64
CA THR B 150 -1.69 -42.69 -15.16
C THR B 150 -0.76 -41.49 -15.26
N PHE B 151 -1.33 -40.36 -15.69
CA PHE B 151 -0.59 -39.12 -15.92
C PHE B 151 0.88 -39.14 -15.49
N ILE B 152 1.12 -38.96 -14.19
CA ILE B 152 2.47 -38.90 -13.66
C ILE B 152 3.38 -40.02 -14.17
N SER B 153 2.93 -41.25 -14.04
CA SER B 153 3.70 -42.40 -14.52
C SER B 153 3.92 -42.32 -16.03
N ASP B 154 2.99 -41.67 -16.73
CA ASP B 154 3.08 -41.50 -18.17
C ASP B 154 4.05 -40.37 -18.52
N ILE B 155 4.54 -39.68 -17.50
CA ILE B 155 5.53 -38.63 -17.71
C ILE B 155 6.90 -39.13 -17.29
N VAL B 156 6.94 -39.82 -16.15
CA VAL B 156 8.19 -40.39 -15.64
C VAL B 156 8.62 -41.57 -16.51
N GLY B 157 8.00 -41.68 -17.69
CA GLY B 157 8.34 -42.72 -18.63
C GLY B 157 8.46 -42.18 -20.05
N ALA B 158 7.72 -41.12 -20.34
CA ALA B 158 7.75 -40.51 -21.66
C ALA B 158 8.75 -39.35 -21.71
N SER B 159 9.15 -38.89 -20.53
CA SER B 159 10.14 -37.81 -20.44
C SER B 159 11.55 -38.36 -20.56
N ARG B 160 11.69 -39.65 -20.28
CA ARG B 160 12.99 -40.32 -20.36
C ARG B 160 13.31 -40.70 -21.80
N THR B 161 12.52 -40.17 -22.73
CA THR B 161 12.74 -40.41 -24.15
C THR B 161 13.71 -39.38 -24.71
N SER B 162 13.15 -38.27 -25.20
CA SER B 162 13.96 -37.18 -25.73
C SER B 162 14.08 -36.06 -24.70
N GLU B 163 15.09 -35.21 -24.88
CA GLU B 163 15.33 -34.09 -23.98
C GLU B 163 14.46 -32.90 -24.37
N SER B 164 13.91 -32.94 -25.58
CA SER B 164 12.98 -31.91 -26.03
C SER B 164 11.66 -32.06 -25.31
N LEU B 165 11.39 -33.27 -24.83
CA LEU B 165 10.19 -33.55 -24.06
C LEU B 165 10.43 -33.33 -22.57
N CYS B 166 11.57 -33.81 -22.09
CA CYS B 166 11.92 -33.73 -20.68
C CYS B 166 12.01 -32.29 -20.18
N GLN B 167 12.49 -31.40 -21.05
CA GLN B 167 12.66 -30.00 -20.68
C GLN B 167 11.32 -29.29 -20.53
N ASN B 168 10.29 -29.80 -21.19
CA ASN B 168 8.97 -29.20 -21.13
C ASN B 168 8.09 -29.79 -20.03
N ASN B 169 8.31 -31.07 -19.72
CA ASN B 169 7.55 -31.72 -18.66
C ASN B 169 7.92 -31.18 -17.27
N MET B 170 9.08 -30.51 -17.21
CA MET B 170 9.53 -29.90 -15.97
C MET B 170 8.82 -28.58 -15.70
N VAL B 171 8.69 -27.76 -16.74
CA VAL B 171 7.95 -26.51 -16.61
C VAL B 171 6.47 -26.81 -16.40
N ILE B 172 6.08 -28.03 -16.70
CA ILE B 172 4.72 -28.51 -16.42
C ILE B 172 4.52 -28.72 -14.92
N LEU B 173 5.36 -29.57 -14.34
CA LEU B 173 5.25 -29.88 -12.92
C LEU B 173 5.59 -28.68 -12.05
N LYS B 174 6.34 -27.74 -12.62
CA LYS B 174 6.61 -26.48 -11.95
C LYS B 174 5.30 -25.74 -11.76
N LEU B 175 4.50 -25.71 -12.82
CA LEU B 175 3.22 -25.02 -12.82
C LEU B 175 2.17 -25.76 -12.01
N LEU B 176 2.12 -27.09 -12.16
CA LEU B 176 1.16 -27.90 -11.43
C LEU B 176 1.37 -27.72 -9.93
N SER B 177 2.63 -27.60 -9.53
CA SER B 177 2.97 -27.36 -8.14
C SER B 177 2.57 -25.95 -7.70
N GLU B 178 2.68 -25.00 -8.62
CA GLU B 178 2.33 -23.61 -8.33
C GLU B 178 0.83 -23.42 -8.21
N GLU B 179 0.06 -24.27 -8.90
CA GLU B 179 -1.39 -24.15 -8.91
C GLU B 179 -2.04 -24.88 -7.73
N VAL B 180 -1.38 -25.90 -7.23
CA VAL B 180 -1.94 -26.72 -6.16
C VAL B 180 -1.51 -26.26 -4.78
N PHE B 181 -0.26 -25.83 -4.65
CA PHE B 181 0.27 -25.40 -3.35
C PHE B 181 0.37 -23.89 -3.21
N ASP B 182 1.01 -23.25 -4.18
CA ASP B 182 1.29 -21.82 -4.09
C ASP B 182 0.04 -20.96 -4.27
N PHE B 183 -0.76 -21.27 -5.28
CA PHE B 183 -1.91 -20.43 -5.61
C PHE B 183 -3.24 -21.19 -5.57
N SER B 184 -3.40 -22.09 -4.61
CA SER B 184 -4.63 -22.86 -4.49
C SER B 184 -5.75 -22.03 -3.86
N SER B 185 -5.47 -21.47 -2.69
CA SER B 185 -6.44 -20.68 -1.95
C SER B 185 -7.06 -19.59 -2.82
N GLY B 186 -8.39 -19.60 -2.92
CA GLY B 186 -9.11 -18.57 -3.67
C GLY B 186 -9.44 -18.99 -5.09
N GLN B 187 -8.42 -19.39 -5.84
CA GLN B 187 -8.59 -19.78 -7.24
C GLN B 187 -9.33 -21.12 -7.34
N ILE B 188 -9.08 -21.99 -6.38
CA ILE B 188 -9.70 -23.31 -6.37
C ILE B 188 -10.44 -23.52 -5.05
N THR B 189 -11.35 -24.49 -5.03
CA THR B 189 -12.15 -24.74 -3.83
C THR B 189 -11.26 -25.19 -2.67
N GLN B 190 -11.86 -25.33 -1.50
CA GLN B 190 -11.10 -25.64 -0.29
C GLN B 190 -10.74 -27.12 -0.16
N VAL B 191 -11.74 -27.96 0.02
CA VAL B 191 -11.51 -29.40 0.23
C VAL B 191 -10.90 -30.07 -1.00
N LYS B 192 -10.99 -29.41 -2.14
CA LYS B 192 -10.40 -29.94 -3.37
C LYS B 192 -8.90 -29.66 -3.40
N ALA B 193 -8.50 -28.53 -2.84
CA ALA B 193 -7.09 -28.19 -2.76
C ALA B 193 -6.35 -29.23 -1.95
N LYS B 194 -6.95 -29.64 -0.83
CA LYS B 194 -6.35 -30.67 0.03
C LYS B 194 -6.29 -32.01 -0.71
N HIS B 195 -7.24 -32.23 -1.59
CA HIS B 195 -7.24 -33.43 -2.42
C HIS B 195 -6.06 -33.41 -3.39
N LEU B 196 -5.94 -32.32 -4.13
CA LEU B 196 -4.87 -32.17 -5.11
C LEU B 196 -3.49 -32.03 -4.46
N LYS B 197 -3.46 -31.47 -3.26
CA LYS B 197 -2.20 -31.27 -2.56
C LYS B 197 -1.53 -32.58 -2.18
N ASP B 198 -2.14 -33.32 -1.25
CA ASP B 198 -1.59 -34.61 -0.84
C ASP B 198 -1.74 -35.66 -1.93
N SER B 199 -2.16 -35.23 -3.11
CA SER B 199 -2.24 -36.12 -4.26
C SER B 199 -0.88 -36.17 -4.95
N MET B 200 -0.23 -35.02 -5.04
CA MET B 200 1.15 -34.96 -5.54
C MET B 200 2.10 -35.48 -4.47
N CYS B 201 1.86 -35.06 -3.24
CA CYS B 201 2.66 -35.51 -2.11
C CYS B 201 2.58 -37.03 -1.95
N ASN B 202 1.65 -37.62 -2.68
CA ASN B 202 1.44 -39.06 -2.61
C ASN B 202 2.35 -39.83 -3.58
N GLU B 203 2.48 -39.30 -4.80
CA GLU B 203 3.36 -39.91 -5.79
C GLU B 203 4.45 -38.94 -6.24
N PHE B 204 5.04 -38.25 -5.28
CA PHE B 204 6.15 -37.35 -5.55
C PHE B 204 7.48 -38.09 -5.54
N SER B 205 7.52 -39.20 -4.82
CA SER B 205 8.72 -40.03 -4.76
C SER B 205 9.04 -40.61 -6.14
N GLN B 206 8.03 -40.72 -6.98
CA GLN B 206 8.18 -41.29 -8.30
C GLN B 206 8.72 -40.26 -9.30
N ILE B 207 8.54 -38.98 -8.98
CA ILE B 207 9.02 -37.91 -9.86
C ILE B 207 10.32 -37.32 -9.36
N PHE B 208 10.61 -37.50 -8.07
CA PHE B 208 11.86 -37.03 -7.50
C PHE B 208 13.02 -37.91 -7.95
N GLN B 209 12.69 -39.16 -8.30
CA GLN B 209 13.69 -40.07 -8.87
C GLN B 209 14.21 -39.52 -10.19
N LEU B 210 13.29 -39.03 -11.01
CA LEU B 210 13.64 -38.47 -12.30
C LEU B 210 14.37 -37.14 -12.13
N CYS B 211 14.00 -36.40 -11.10
CA CYS B 211 14.66 -35.14 -10.78
C CYS B 211 16.13 -35.39 -10.42
N GLN B 212 16.33 -36.21 -9.39
CA GLN B 212 17.67 -36.60 -8.96
C GLN B 212 18.48 -37.11 -10.15
N PHE B 213 17.78 -37.70 -11.11
CA PHE B 213 18.39 -38.28 -12.29
C PHE B 213 18.97 -37.22 -13.23
N VAL B 214 18.14 -36.26 -13.62
CA VAL B 214 18.53 -35.25 -14.60
C VAL B 214 19.62 -34.31 -14.07
N MET B 215 19.75 -34.24 -12.76
CA MET B 215 20.78 -33.39 -12.15
C MET B 215 22.12 -34.11 -12.11
N GLU B 216 22.08 -35.41 -11.84
CA GLU B 216 23.30 -36.20 -11.71
C GLU B 216 23.96 -36.50 -13.06
N ASN B 217 23.16 -36.63 -14.10
CA ASN B 217 23.67 -37.12 -15.39
C ASN B 217 23.61 -36.11 -16.52
N SER B 218 22.40 -35.84 -17.01
CA SER B 218 22.19 -34.99 -18.19
C SER B 218 23.18 -33.84 -18.32
N GLN B 219 23.64 -33.62 -19.55
CA GLN B 219 24.59 -32.55 -19.84
C GLN B 219 23.87 -31.39 -20.53
N ASN B 220 22.60 -31.61 -20.87
CA ASN B 220 21.78 -30.59 -21.52
C ASN B 220 21.59 -29.38 -20.62
N ALA B 221 22.10 -28.22 -21.05
CA ALA B 221 22.06 -27.02 -20.23
C ALA B 221 20.65 -26.50 -19.96
N PRO B 222 19.89 -26.18 -21.02
CA PRO B 222 18.52 -25.70 -20.82
C PRO B 222 17.68 -26.69 -20.01
N LEU B 223 17.74 -27.96 -20.37
CA LEU B 223 16.99 -29.00 -19.68
C LEU B 223 17.26 -28.98 -18.18
N VAL B 224 18.55 -29.02 -17.81
CA VAL B 224 18.94 -29.00 -16.41
C VAL B 224 18.49 -27.72 -15.72
N HIS B 225 18.69 -26.58 -16.37
CA HIS B 225 18.26 -25.30 -15.82
C HIS B 225 16.78 -25.35 -15.48
N ALA B 226 16.00 -26.00 -16.33
CA ALA B 226 14.58 -26.19 -16.09
C ALA B 226 14.39 -27.14 -14.91
N THR B 227 15.02 -28.30 -14.99
CA THR B 227 14.97 -29.29 -13.90
C THR B 227 15.33 -28.63 -12.59
N LEU B 228 16.13 -27.57 -12.65
CA LEU B 228 16.57 -26.86 -11.46
C LEU B 228 15.56 -25.79 -11.05
N GLU B 229 15.25 -24.90 -11.98
CA GLU B 229 14.29 -23.83 -11.73
C GLU B 229 12.94 -24.39 -11.32
N THR B 230 12.45 -25.36 -12.06
CA THR B 230 11.16 -25.98 -11.79
C THR B 230 11.20 -26.84 -10.53
N LEU B 231 12.34 -26.82 -9.85
CA LEU B 231 12.48 -27.57 -8.60
C LEU B 231 12.37 -26.63 -7.40
N LEU B 232 12.77 -25.38 -7.58
CA LEU B 232 12.67 -24.38 -6.52
C LEU B 232 11.25 -24.28 -5.98
N ARG B 233 10.28 -24.57 -6.83
CA ARG B 233 8.87 -24.48 -6.44
C ARG B 233 8.48 -25.62 -5.50
N PHE B 234 9.09 -26.79 -5.71
CA PHE B 234 8.80 -27.96 -4.89
C PHE B 234 9.25 -27.78 -3.44
N LEU B 235 10.37 -27.09 -3.26
CA LEU B 235 10.93 -26.87 -1.94
C LEU B 235 9.95 -26.16 -1.00
N ASN B 236 8.87 -25.63 -1.56
CA ASN B 236 7.87 -24.90 -0.78
C ASN B 236 6.89 -25.79 -0.03
N TRP B 237 6.86 -27.08 -0.36
CA TRP B 237 5.90 -27.99 0.26
C TRP B 237 6.45 -29.39 0.54
N ILE B 238 7.27 -29.91 -0.38
CA ILE B 238 7.78 -31.27 -0.28
C ILE B 238 8.27 -31.62 1.13
N PRO B 239 8.14 -32.91 1.50
CA PRO B 239 8.65 -33.40 2.78
C PRO B 239 10.14 -33.15 2.91
N LEU B 240 10.61 -32.95 4.14
CA LEU B 240 12.00 -32.61 4.40
C LEU B 240 12.95 -33.72 3.92
N GLY B 241 12.52 -34.96 4.05
CA GLY B 241 13.34 -36.12 3.72
C GLY B 241 13.98 -36.06 2.35
N TYR B 242 13.19 -35.69 1.34
CA TYR B 242 13.67 -35.61 -0.04
C TYR B 242 14.82 -34.62 -0.19
N ILE B 243 15.07 -33.86 0.87
CA ILE B 243 16.11 -32.83 0.82
C ILE B 243 17.33 -33.21 1.65
N PHE B 244 17.13 -33.32 2.95
CA PHE B 244 18.23 -33.58 3.87
C PHE B 244 18.67 -35.05 3.88
N GLU B 245 17.70 -35.95 3.80
CA GLU B 245 17.99 -37.39 3.87
C GLU B 245 18.48 -37.94 2.53
N THR B 246 19.06 -37.08 1.71
CA THR B 246 19.60 -37.50 0.42
C THR B 246 20.64 -36.51 -0.09
N LYS B 247 21.48 -36.97 -1.01
CA LYS B 247 22.51 -36.12 -1.60
C LYS B 247 21.90 -35.11 -2.56
N LEU B 248 21.18 -34.14 -2.00
CA LEU B 248 20.59 -33.06 -2.79
C LEU B 248 21.22 -31.73 -2.41
N ILE B 249 21.31 -31.48 -1.11
CA ILE B 249 21.95 -30.28 -0.60
C ILE B 249 23.38 -30.21 -1.12
N SER B 250 23.99 -31.38 -1.31
CA SER B 250 25.37 -31.48 -1.75
C SER B 250 25.48 -31.24 -3.25
N THR B 251 24.63 -31.92 -4.02
CA THR B 251 24.69 -31.86 -5.48
C THR B 251 24.40 -30.45 -6.00
N LEU B 252 23.73 -29.65 -5.18
CA LEU B 252 23.40 -28.28 -5.55
C LEU B 252 24.61 -27.37 -5.47
N ILE B 253 25.45 -27.59 -4.45
CA ILE B 253 26.61 -26.75 -4.21
C ILE B 253 27.78 -27.14 -5.11
N TYR B 254 28.08 -28.43 -5.15
CA TYR B 254 29.25 -28.93 -5.88
C TYR B 254 29.16 -28.71 -7.39
N LYS B 255 27.98 -28.90 -7.95
CA LYS B 255 27.85 -29.02 -9.40
C LYS B 255 27.24 -27.80 -10.11
N PHE B 256 26.53 -26.96 -9.37
CA PHE B 256 25.78 -25.86 -10.00
C PHE B 256 26.12 -24.46 -9.48
N LEU B 257 26.47 -24.37 -8.20
CA LEU B 257 26.65 -23.06 -7.57
C LEU B 257 27.78 -22.23 -8.20
N ASN B 258 28.78 -22.90 -8.76
CA ASN B 258 29.95 -22.20 -9.29
C ASN B 258 29.83 -21.76 -10.75
N VAL B 259 29.01 -22.47 -11.51
CA VAL B 259 28.81 -22.16 -12.93
C VAL B 259 27.99 -20.89 -13.13
N PRO B 260 28.35 -20.09 -14.14
CA PRO B 260 27.72 -18.80 -14.46
C PRO B 260 26.19 -18.87 -14.64
N MET B 261 25.72 -19.83 -15.42
CA MET B 261 24.30 -19.88 -15.79
C MET B 261 23.39 -20.46 -14.71
N PHE B 262 23.87 -21.49 -14.01
CA PHE B 262 23.10 -22.11 -12.93
C PHE B 262 23.42 -21.44 -11.61
N ARG B 263 24.09 -20.30 -11.68
CA ARG B 263 24.55 -19.59 -10.49
C ARG B 263 23.39 -19.12 -9.61
N ASN B 264 22.51 -18.29 -10.17
CA ASN B 264 21.38 -17.74 -9.43
C ASN B 264 20.34 -18.78 -9.03
N VAL B 265 20.11 -19.75 -9.91
CA VAL B 265 19.10 -20.78 -9.68
C VAL B 265 19.37 -21.58 -8.41
N SER B 266 20.61 -22.03 -8.26
CA SER B 266 20.99 -22.85 -7.12
C SER B 266 21.03 -22.06 -5.82
N LEU B 267 21.38 -20.77 -5.92
CA LEU B 267 21.49 -19.93 -4.74
C LEU B 267 20.14 -19.70 -4.07
N LYS B 268 19.12 -19.39 -4.88
CA LYS B 268 17.78 -19.15 -4.35
C LYS B 268 17.11 -20.42 -3.86
N CYS B 269 17.69 -21.57 -4.18
CA CYS B 269 17.21 -22.83 -3.63
C CYS B 269 17.75 -23.00 -2.21
N LEU B 270 19.03 -22.71 -2.04
CA LEU B 270 19.67 -22.80 -0.73
C LEU B 270 19.08 -21.77 0.23
N THR B 271 18.80 -20.59 -0.29
CA THR B 271 18.23 -19.50 0.50
C THR B 271 16.90 -19.92 1.14
N GLU B 272 16.18 -20.81 0.45
CA GLU B 272 14.92 -21.33 0.95
C GLU B 272 15.14 -22.41 1.99
N ILE B 273 16.11 -23.28 1.73
CA ILE B 273 16.43 -24.38 2.63
C ILE B 273 16.93 -23.86 3.98
N ALA B 274 17.73 -22.80 3.94
CA ALA B 274 18.33 -22.24 5.15
C ALA B 274 17.33 -21.43 5.97
N GLY B 275 16.16 -21.18 5.39
CA GLY B 275 15.13 -20.40 6.06
C GLY B 275 14.33 -21.22 7.06
N VAL B 276 14.62 -22.52 7.12
CA VAL B 276 13.91 -23.43 8.01
C VAL B 276 14.63 -23.55 9.36
N SER B 277 13.92 -24.05 10.36
CA SER B 277 14.51 -24.25 11.68
C SER B 277 15.63 -25.30 11.63
N VAL B 278 16.65 -25.11 12.45
CA VAL B 278 17.86 -25.94 12.41
C VAL B 278 17.83 -27.08 13.42
N SER B 279 16.86 -27.03 14.32
CA SER B 279 16.82 -27.90 15.50
C SER B 279 17.01 -29.41 15.26
N GLN B 280 16.70 -29.90 14.06
CA GLN B 280 16.76 -31.35 13.82
C GLN B 280 17.94 -31.80 12.97
N TYR B 281 18.12 -31.20 11.81
CA TYR B 281 19.21 -31.57 10.91
C TYR B 281 20.41 -30.65 11.09
N GLU B 282 20.82 -30.48 12.34
CA GLU B 282 21.94 -29.59 12.67
C GLU B 282 23.20 -29.89 11.88
N GLU B 283 23.35 -31.15 11.45
CA GLU B 283 24.54 -31.55 10.71
C GLU B 283 24.52 -31.05 9.27
N GLN B 284 23.37 -31.19 8.61
CA GLN B 284 23.24 -30.79 7.21
C GLN B 284 23.33 -29.28 7.03
N PHE B 285 22.77 -28.53 7.99
CA PHE B 285 22.89 -27.08 7.96
C PHE B 285 24.34 -26.67 8.11
N GLU B 286 25.07 -27.37 8.97
CA GLU B 286 26.48 -27.12 9.16
C GLU B 286 27.25 -27.33 7.87
N THR B 287 27.11 -28.51 7.28
CA THR B 287 27.81 -28.84 6.04
C THR B 287 27.43 -27.91 4.91
N LEU B 288 26.15 -27.52 4.86
CA LEU B 288 25.67 -26.60 3.84
C LEU B 288 26.40 -25.26 3.92
N PHE B 289 26.59 -24.78 5.15
CA PHE B 289 27.21 -23.48 5.38
C PHE B 289 28.66 -23.44 4.88
N THR B 290 29.50 -24.29 5.46
CA THR B 290 30.90 -24.34 5.10
C THR B 290 31.11 -24.70 3.63
N LEU B 291 30.42 -25.74 3.18
CA LEU B 291 30.55 -26.22 1.81
C LEU B 291 30.26 -25.11 0.81
N THR B 292 29.39 -24.19 1.19
CA THR B 292 29.01 -23.08 0.32
C THR B 292 29.89 -21.86 0.54
N MET B 293 30.16 -21.55 1.80
CA MET B 293 31.00 -20.40 2.14
C MET B 293 32.35 -20.46 1.46
N MET B 294 32.88 -21.67 1.29
CA MET B 294 34.15 -21.86 0.60
C MET B 294 33.95 -21.74 -0.90
N GLN B 295 32.79 -22.20 -1.38
CA GLN B 295 32.49 -22.15 -2.80
C GLN B 295 32.35 -20.69 -3.25
N LEU B 296 32.02 -19.82 -2.31
CA LEU B 296 31.92 -18.39 -2.60
C LEU B 296 33.30 -17.76 -2.69
N LYS B 297 34.25 -18.31 -1.94
CA LYS B 297 35.63 -17.83 -2.00
C LYS B 297 36.21 -18.11 -3.38
N GLN B 298 35.68 -19.13 -4.05
CA GLN B 298 36.11 -19.48 -5.39
C GLN B 298 35.20 -18.85 -6.44
N MET B 299 34.48 -17.81 -6.03
CA MET B 299 33.61 -17.06 -6.95
C MET B 299 33.72 -15.57 -6.64
N LEU B 300 34.36 -15.26 -5.53
CA LEU B 300 34.49 -13.88 -5.07
C LEU B 300 35.75 -13.72 -4.22
N PRO B 301 36.71 -12.92 -4.70
CA PRO B 301 37.83 -12.56 -3.83
C PRO B 301 37.29 -11.84 -2.60
N LEU B 302 37.69 -12.27 -1.41
CA LEU B 302 37.14 -11.72 -0.18
C LEU B 302 37.49 -10.25 0.03
N ASN B 303 38.07 -9.63 -1.01
CA ASN B 303 38.46 -8.24 -0.93
C ASN B 303 37.85 -7.38 -2.03
N THR B 304 37.44 -8.03 -3.11
CA THR B 304 36.90 -7.31 -4.28
C THR B 304 35.83 -6.29 -3.92
N ASN B 305 35.95 -5.11 -4.50
CA ASN B 305 34.96 -4.06 -4.34
C ASN B 305 33.62 -4.52 -4.89
N ILE B 306 32.66 -4.72 -4.01
CA ILE B 306 31.34 -5.21 -4.41
C ILE B 306 30.53 -4.11 -5.08
N ARG B 307 30.66 -2.89 -4.58
CA ARG B 307 29.90 -1.75 -5.11
C ARG B 307 30.18 -1.52 -6.59
N LEU B 308 31.42 -1.76 -7.00
CA LEU B 308 31.80 -1.58 -8.40
C LEU B 308 31.47 -2.81 -9.25
N ALA B 309 31.22 -3.92 -8.59
CA ALA B 309 30.77 -5.13 -9.28
C ALA B 309 29.29 -4.98 -9.62
N TYR B 310 28.62 -4.07 -8.91
CA TYR B 310 27.21 -3.81 -9.11
C TYR B 310 27.04 -2.58 -9.99
N SER B 311 27.86 -1.56 -9.74
CA SER B 311 27.82 -0.32 -10.50
C SER B 311 27.99 -0.57 -11.99
N ASN B 312 28.68 -1.66 -12.32
CA ASN B 312 28.87 -2.05 -13.71
C ASN B 312 28.90 -3.56 -13.90
N GLY B 313 27.72 -4.15 -14.03
CA GLY B 313 27.59 -5.58 -14.23
C GLY B 313 26.21 -5.94 -14.77
N LYS B 314 26.17 -6.88 -15.71
CA LYS B 314 24.92 -7.27 -16.34
C LYS B 314 23.88 -7.74 -15.32
N ASP B 315 22.63 -7.85 -15.78
CA ASP B 315 21.52 -8.24 -14.91
C ASP B 315 21.80 -9.55 -14.18
N ASP B 316 22.30 -10.54 -14.91
CA ASP B 316 22.58 -11.84 -14.35
C ASP B 316 23.53 -11.73 -13.15
N GLU B 317 24.34 -10.67 -13.15
CA GLU B 317 25.29 -10.44 -12.07
C GLU B 317 24.63 -9.72 -10.90
N GLN B 318 23.96 -8.60 -11.21
CA GLN B 318 23.32 -7.78 -10.19
C GLN B 318 22.38 -8.59 -9.30
N ASN B 319 21.51 -9.38 -9.91
CA ASN B 319 20.55 -10.19 -9.16
C ASN B 319 21.22 -11.15 -8.18
N PHE B 320 22.33 -11.75 -8.61
CA PHE B 320 23.06 -12.68 -7.76
C PHE B 320 23.45 -12.03 -6.44
N ILE B 321 24.03 -10.83 -6.52
CA ILE B 321 24.45 -10.10 -5.34
C ILE B 321 23.30 -9.94 -4.35
N GLN B 322 22.11 -9.69 -4.88
CA GLN B 322 20.92 -9.54 -4.04
C GLN B 322 20.55 -10.85 -3.38
N ASN B 323 20.50 -11.92 -4.17
CA ASN B 323 20.17 -13.24 -3.66
C ASN B 323 21.16 -13.69 -2.58
N LEU B 324 22.43 -13.41 -2.81
CA LEU B 324 23.47 -13.71 -1.82
C LEU B 324 23.21 -12.92 -0.55
N SER B 325 22.83 -11.67 -0.70
CA SER B 325 22.47 -10.83 0.44
C SER B 325 21.32 -11.46 1.21
N LEU B 326 20.44 -12.13 0.49
CA LEU B 326 19.33 -12.85 1.09
C LEU B 326 19.81 -14.11 1.80
N PHE B 327 20.60 -14.92 1.10
CA PHE B 327 21.10 -16.16 1.67
C PHE B 327 21.83 -15.93 3.00
N LEU B 328 22.68 -14.91 3.02
CA LEU B 328 23.46 -14.60 4.21
C LEU B 328 22.56 -14.10 5.35
N CYS B 329 21.65 -13.19 5.02
CA CYS B 329 20.71 -12.67 6.00
C CYS B 329 19.80 -13.79 6.51
N THR B 330 19.53 -14.75 5.62
CA THR B 330 18.71 -15.90 5.98
C THR B 330 19.45 -16.83 6.94
N PHE B 331 20.61 -17.30 6.51
CA PHE B 331 21.37 -18.28 7.28
C PHE B 331 21.88 -17.70 8.59
N LEU B 332 22.52 -16.54 8.53
CA LEU B 332 23.10 -15.91 9.71
C LEU B 332 22.06 -15.59 10.78
N LYS B 333 20.86 -15.21 10.35
CA LYS B 333 19.80 -14.86 11.29
C LYS B 333 19.08 -16.10 11.82
N GLU B 334 18.99 -17.13 11.00
CA GLU B 334 18.25 -18.34 11.37
C GLU B 334 19.19 -19.44 11.87
N HIS B 335 20.48 -19.11 12.04
CA HIS B 335 21.45 -20.08 12.51
C HIS B 335 22.56 -19.45 13.36
N GLY B 336 22.23 -18.35 14.03
CA GLY B 336 23.16 -17.72 14.94
C GLY B 336 23.53 -18.67 16.06
N GLN B 337 22.72 -19.70 16.22
CA GLN B 337 22.94 -20.74 17.22
C GLN B 337 24.02 -21.72 16.77
N LEU B 338 23.79 -22.37 15.63
CA LEU B 338 24.68 -23.40 15.12
C LEU B 338 26.06 -22.86 14.73
N LEU B 339 26.15 -21.55 14.53
CA LEU B 339 27.41 -20.94 14.09
C LEU B 339 28.32 -20.55 15.25
N GLU B 340 27.73 -20.24 16.40
CA GLU B 340 28.50 -19.84 17.57
C GLU B 340 29.04 -21.04 18.35
N LYS B 341 28.16 -22.00 18.63
CA LYS B 341 28.54 -23.19 19.37
C LYS B 341 29.62 -24.00 18.65
N ARG B 342 29.29 -24.50 17.47
CA ARG B 342 30.24 -25.23 16.65
C ARG B 342 31.50 -24.40 16.43
N LEU B 343 32.57 -24.76 17.12
CA LEU B 343 33.81 -24.00 17.08
C LEU B 343 34.54 -24.16 15.74
N ASN B 344 34.41 -25.34 15.14
CA ASN B 344 35.04 -25.61 13.86
C ASN B 344 34.36 -24.89 12.71
N LEU B 345 33.37 -24.06 13.04
CA LEU B 345 32.62 -23.32 12.03
C LEU B 345 32.85 -21.81 12.11
N ARG B 346 33.48 -21.37 13.19
CA ARG B 346 33.82 -19.95 13.32
C ARG B 346 34.65 -19.53 12.13
N GLU B 347 35.30 -20.52 11.52
CA GLU B 347 36.06 -20.33 10.30
C GLU B 347 35.28 -19.53 9.26
N ALA B 348 34.06 -19.99 8.97
CA ALA B 348 33.24 -19.36 7.94
C ALA B 348 32.34 -18.27 8.50
N LEU B 349 32.00 -18.36 9.78
CA LEU B 349 31.12 -17.39 10.42
C LEU B 349 31.66 -15.96 10.23
N MET B 350 32.97 -15.82 10.29
CA MET B 350 33.60 -14.53 10.08
C MET B 350 33.80 -14.27 8.59
N GLU B 351 34.04 -15.34 7.85
CA GLU B 351 34.23 -15.25 6.40
C GLU B 351 32.91 -14.91 5.72
N ALA B 352 31.81 -15.12 6.43
CA ALA B 352 30.48 -14.80 5.92
C ALA B 352 30.06 -13.41 6.42
N LEU B 353 30.35 -13.14 7.69
CA LEU B 353 30.05 -11.85 8.28
C LEU B 353 30.76 -10.76 7.46
N HIS B 354 31.90 -11.13 6.88
CA HIS B 354 32.68 -10.23 6.06
C HIS B 354 31.99 -9.98 4.72
N TYR B 355 31.43 -11.04 4.15
CA TYR B 355 30.69 -10.92 2.89
C TYR B 355 29.47 -10.02 3.08
N MET B 356 28.75 -10.21 4.18
CA MET B 356 27.62 -9.37 4.52
C MET B 356 28.06 -7.94 4.81
N LEU B 357 29.36 -7.69 4.69
CA LEU B 357 29.92 -6.39 5.01
C LEU B 357 30.45 -5.71 3.75
N LEU B 358 30.91 -6.51 2.79
CA LEU B 358 31.39 -5.99 1.51
C LEU B 358 30.23 -5.60 0.61
N VAL B 359 29.22 -6.47 0.57
CA VAL B 359 28.01 -6.20 -0.19
C VAL B 359 27.16 -5.16 0.53
N SER B 360 27.44 -4.98 1.82
CA SER B 360 26.67 -4.06 2.64
C SER B 360 26.96 -2.60 2.25
N GLU B 361 27.70 -2.42 1.17
CA GLU B 361 28.02 -1.08 0.68
C GLU B 361 27.74 -0.91 -0.82
N VAL B 362 26.59 -1.39 -1.26
CA VAL B 362 26.15 -1.19 -2.64
C VAL B 362 25.16 -0.03 -2.68
N GLU B 363 25.08 0.65 -3.81
CA GLU B 363 24.22 1.83 -3.94
C GLU B 363 22.73 1.48 -3.90
N GLU B 364 22.35 0.42 -4.61
CA GLU B 364 20.94 0.01 -4.68
C GLU B 364 20.36 -0.24 -3.29
N THR B 365 19.31 0.50 -2.96
CA THR B 365 18.70 0.44 -1.64
C THR B 365 18.14 -0.95 -1.30
N GLU B 366 17.46 -1.56 -2.26
CA GLU B 366 16.77 -2.83 -2.03
C GLU B 366 17.71 -3.96 -1.61
N ILE B 367 19.00 -3.76 -1.79
CA ILE B 367 20.01 -4.71 -1.34
C ILE B 367 20.54 -4.30 0.02
N PHE B 368 20.66 -2.99 0.23
CA PHE B 368 21.15 -2.45 1.49
C PHE B 368 20.10 -2.57 2.60
N LYS B 369 18.87 -2.86 2.22
CA LYS B 369 17.81 -3.07 3.21
C LYS B 369 17.77 -4.51 3.68
N ILE B 370 18.30 -5.42 2.86
CA ILE B 370 18.43 -6.81 3.26
C ILE B 370 19.56 -6.94 4.29
N CYS B 371 20.67 -6.28 4.00
CA CYS B 371 21.83 -6.29 4.89
C CYS B 371 21.51 -5.60 6.21
N LEU B 372 20.97 -4.38 6.11
CA LEU B 372 20.58 -3.63 7.31
C LEU B 372 19.64 -4.45 8.19
N GLU B 373 18.72 -5.16 7.55
CA GLU B 373 17.80 -6.03 8.27
C GLU B 373 18.56 -6.97 9.21
N TYR B 374 19.72 -7.43 8.76
CA TYR B 374 20.53 -8.34 9.57
C TYR B 374 21.33 -7.59 10.63
N TRP B 375 21.88 -6.43 10.27
CA TRP B 375 22.68 -5.65 11.21
C TRP B 375 21.85 -5.18 12.40
N ASN B 376 20.59 -4.85 12.14
CA ASN B 376 19.66 -4.48 13.21
C ASN B 376 19.36 -5.67 14.08
N HIS B 377 19.32 -6.85 13.47
CA HIS B 377 19.10 -8.10 14.19
C HIS B 377 20.29 -8.42 15.09
N LEU B 378 21.49 -8.31 14.53
CA LEU B 378 22.72 -8.60 15.26
C LEU B 378 22.91 -7.65 16.42
N ALA B 379 22.79 -6.35 16.14
CA ALA B 379 22.94 -5.33 17.18
C ALA B 379 21.90 -5.53 18.29
N ALA B 380 20.79 -6.15 17.93
CA ALA B 380 19.70 -6.40 18.88
C ALA B 380 20.03 -7.56 19.82
N GLU B 381 20.38 -8.71 19.23
CA GLU B 381 20.68 -9.91 20.00
C GLU B 381 21.81 -9.68 21.00
N LEU B 382 22.83 -8.94 20.58
CA LEU B 382 23.96 -8.63 21.45
C LEU B 382 23.60 -7.56 22.48
N TYR B 383 22.49 -6.87 22.25
CA TYR B 383 22.02 -5.87 23.21
C TYR B 383 21.14 -6.53 24.27
N ARG B 384 20.38 -7.54 23.86
CA ARG B 384 19.54 -8.28 24.79
C ARG B 384 20.41 -9.01 25.80
N GLU B 385 21.59 -9.43 25.35
CA GLU B 385 22.57 -10.07 26.22
C GLU B 385 22.98 -9.13 27.33
N SER B 386 23.64 -8.03 26.96
CA SER B 386 24.09 -7.04 27.92
C SER B 386 24.07 -5.64 27.30
N PRO B 387 23.12 -4.79 27.74
CA PRO B 387 22.96 -3.43 27.25
C PRO B 387 23.92 -2.46 27.93
N PHE B 388 25.18 -2.86 28.08
CA PHE B 388 26.17 -2.05 28.77
C PHE B 388 27.40 -1.79 27.90
N SER B 389 28.03 -0.64 28.11
CA SER B 389 29.18 -0.22 27.32
C SER B 389 30.46 -0.93 27.76
N THR B 390 31.51 -0.80 26.95
CA THR B 390 32.80 -1.40 27.27
C THR B 390 33.38 -0.82 28.56
N SER B 391 33.31 -1.59 29.64
CA SER B 391 33.81 -1.15 30.93
C SER B 391 35.00 -2.00 31.37
N ASP B 403 34.91 -5.36 32.67
CA ASP B 403 34.84 -6.77 32.33
C ASP B 403 34.73 -6.99 30.82
N ILE B 404 34.50 -8.23 30.42
CA ILE B 404 34.43 -8.58 29.01
C ILE B 404 33.13 -9.30 28.66
N PRO B 405 32.48 -8.89 27.56
CA PRO B 405 31.25 -9.54 27.08
C PRO B 405 31.53 -10.91 26.49
N PRO B 406 30.60 -11.86 26.70
CA PRO B 406 30.76 -13.25 26.26
C PRO B 406 30.57 -13.44 24.75
N ARG B 407 29.36 -13.21 24.24
CA ARG B 407 29.07 -13.43 22.83
C ARG B 407 29.63 -12.32 21.93
N ARG B 408 29.82 -11.13 22.49
CA ARG B 408 30.27 -9.99 21.69
C ARG B 408 31.68 -10.15 21.13
N GLN B 409 32.48 -11.00 21.76
CA GLN B 409 33.86 -11.22 21.32
C GLN B 409 33.95 -11.42 19.81
N LEU B 410 33.19 -12.37 19.30
CA LEU B 410 33.22 -12.72 17.89
C LEU B 410 32.90 -11.55 16.98
N TYR B 411 32.19 -10.56 17.52
CA TYR B 411 31.63 -9.50 16.69
C TYR B 411 32.22 -8.11 16.94
N LEU B 412 32.90 -7.93 18.06
CA LEU B 412 33.48 -6.63 18.41
C LEU B 412 34.19 -5.99 17.22
N THR B 413 34.97 -6.79 16.50
CA THR B 413 35.67 -6.31 15.31
C THR B 413 34.68 -5.83 14.26
N VAL B 414 33.68 -6.65 13.99
CA VAL B 414 32.67 -6.33 12.97
C VAL B 414 31.77 -5.18 13.39
N LEU B 415 31.42 -5.14 14.68
CA LEU B 415 30.54 -4.10 15.20
C LEU B 415 31.09 -2.71 14.91
N SER B 416 32.41 -2.57 14.97
CA SER B 416 33.06 -1.29 14.68
C SER B 416 32.93 -0.97 13.19
N LYS B 417 33.08 -1.98 12.35
CA LYS B 417 32.93 -1.83 10.91
C LYS B 417 31.50 -1.45 10.56
N VAL B 418 30.55 -1.98 11.32
CA VAL B 418 29.15 -1.67 11.13
C VAL B 418 28.83 -0.27 11.66
N ARG B 419 29.33 0.03 12.84
CA ARG B 419 29.15 1.36 13.42
C ARG B 419 29.61 2.43 12.45
N LEU B 420 30.60 2.10 11.64
CA LEU B 420 31.06 2.99 10.58
C LEU B 420 30.06 3.02 9.45
N LEU B 421 29.66 1.83 9.00
CA LEU B 421 28.70 1.70 7.90
C LEU B 421 27.49 2.61 8.10
N MET B 422 26.99 2.67 9.33
CA MET B 422 25.83 3.50 9.64
C MET B 422 26.14 4.98 9.53
N VAL B 423 27.12 5.44 10.30
CA VAL B 423 27.51 6.84 10.31
C VAL B 423 27.90 7.32 8.91
N SER B 424 28.42 6.41 8.10
CA SER B 424 28.86 6.74 6.76
C SER B 424 27.68 6.95 5.81
N ARG B 425 26.63 6.16 6.00
CA ARG B 425 25.49 6.19 5.09
C ARG B 425 24.16 6.38 5.82
N MET B 426 24.04 7.49 6.56
CA MET B 426 22.80 7.78 7.26
C MET B 426 21.79 8.37 6.28
N ALA B 427 20.51 8.19 6.58
CA ALA B 427 19.45 8.67 5.69
C ALA B 427 18.78 9.92 6.23
N LYS B 428 18.30 10.77 5.33
CA LYS B 428 17.63 12.00 5.72
C LYS B 428 16.41 11.67 6.59
N PRO B 429 16.40 12.19 7.83
CA PRO B 429 15.33 11.91 8.79
C PRO B 429 14.02 12.58 8.41
N GLU B 430 14.07 13.87 8.09
CA GLU B 430 12.87 14.63 7.75
C GLU B 430 12.53 14.53 6.26
N GLU B 431 11.57 13.68 5.94
CA GLU B 431 11.10 13.58 4.56
C GLU B 431 10.12 14.69 4.25
N VAL B 432 10.53 15.65 3.43
CA VAL B 432 9.70 16.81 3.14
C VAL B 432 9.43 16.94 1.64
N LEU B 433 8.23 17.43 1.31
CA LEU B 433 7.82 17.59 -0.09
C LEU B 433 6.82 18.74 -0.22
N VAL B 434 6.94 19.48 -1.32
CA VAL B 434 6.03 20.58 -1.60
C VAL B 434 4.95 20.16 -2.60
N VAL B 435 3.70 20.21 -2.17
CA VAL B 435 2.58 19.78 -3.01
C VAL B 435 1.51 20.85 -3.11
N GLU B 436 0.90 20.98 -4.29
CA GLU B 436 -0.21 21.90 -4.48
C GLU B 436 -1.54 21.17 -4.29
N ASN B 437 -2.43 21.78 -3.52
CA ASN B 437 -3.73 21.17 -3.25
C ASN B 437 -4.82 21.61 -4.24
N ASP B 438 -6.07 21.52 -3.81
CA ASP B 438 -7.20 21.77 -4.69
C ASP B 438 -7.35 23.23 -5.09
N GLN B 439 -6.79 24.14 -4.30
CA GLN B 439 -6.94 25.57 -4.57
C GLN B 439 -5.72 26.17 -5.30
N GLY B 440 -4.82 25.31 -5.75
CA GLY B 440 -3.66 25.75 -6.51
C GLY B 440 -2.51 26.22 -5.63
N GLU B 441 -2.83 26.72 -4.44
CA GLU B 441 -1.80 27.15 -3.51
C GLU B 441 -0.85 26.02 -3.17
N VAL B 442 0.43 26.33 -3.05
CA VAL B 442 1.46 25.34 -2.75
C VAL B 442 1.91 25.39 -1.29
N VAL B 443 1.99 24.23 -0.67
CA VAL B 443 2.42 24.12 0.72
C VAL B 443 3.47 23.03 0.89
N ARG B 444 4.08 22.97 2.07
CA ARG B 444 5.07 21.95 2.37
C ARG B 444 4.49 20.87 3.28
N GLU B 445 4.61 19.61 2.84
CA GLU B 445 4.14 18.48 3.63
C GLU B 445 5.29 17.62 4.12
N PHE B 446 5.16 17.10 5.33
CA PHE B 446 6.14 16.18 5.89
C PHE B 446 5.57 14.78 5.93
N MET B 447 5.83 14.01 4.87
CA MET B 447 5.31 12.65 4.74
C MET B 447 5.51 11.85 6.02
N LYS B 448 4.59 10.94 6.29
CA LYS B 448 4.53 10.26 7.60
C LYS B 448 5.30 8.94 7.67
N ASP B 449 4.66 7.86 7.24
CA ASP B 449 5.24 6.53 7.40
C ASP B 449 5.81 5.96 6.10
N THR B 450 6.39 6.82 5.27
CA THR B 450 6.96 6.36 4.00
C THR B 450 8.08 5.35 4.22
N ASP B 451 8.54 4.73 3.14
CA ASP B 451 9.61 3.75 3.21
C ASP B 451 10.94 4.45 3.49
N SER B 452 11.10 5.66 2.96
CA SER B 452 12.32 6.42 3.13
C SER B 452 12.48 6.90 4.57
N ILE B 453 11.39 7.41 5.14
CA ILE B 453 11.42 7.89 6.51
C ILE B 453 11.35 6.73 7.50
N ASN B 454 11.29 5.52 6.96
CA ASN B 454 11.33 4.31 7.77
C ASN B 454 12.75 3.78 7.82
N LEU B 455 13.52 4.04 6.77
CA LEU B 455 14.91 3.60 6.70
C LEU B 455 15.73 4.27 7.78
N TYR B 456 15.59 5.59 7.91
CA TYR B 456 16.27 6.34 8.94
C TYR B 456 16.02 5.73 10.32
N LYS B 457 14.81 5.22 10.53
CA LYS B 457 14.44 4.68 11.83
C LYS B 457 15.07 3.32 12.08
N ASN B 458 15.42 2.61 11.01
CA ASN B 458 16.10 1.33 11.14
C ASN B 458 17.61 1.48 11.31
N MET B 459 18.17 2.52 10.71
CA MET B 459 19.58 2.82 10.91
C MET B 459 19.80 3.41 12.29
N ARG B 460 18.93 4.34 12.68
CA ARG B 460 18.99 4.95 14.00
C ARG B 460 18.97 3.88 15.07
N GLU B 461 18.01 2.96 14.96
CA GLU B 461 17.87 1.89 15.94
C GLU B 461 19.12 1.00 15.94
N THR B 462 19.58 0.64 14.76
CA THR B 462 20.77 -0.19 14.62
C THR B 462 21.98 0.48 15.25
N LEU B 463 22.13 1.78 14.99
CA LEU B 463 23.26 2.54 15.49
C LEU B 463 23.14 2.81 16.99
N VAL B 464 21.92 3.00 17.46
CA VAL B 464 21.68 3.31 18.87
C VAL B 464 21.86 2.06 19.73
N TYR B 465 21.96 0.91 19.08
CA TYR B 465 22.28 -0.34 19.76
C TYR B 465 23.79 -0.46 19.93
N LEU B 466 24.51 -0.18 18.84
CA LEU B 466 25.96 -0.29 18.83
C LEU B 466 26.62 0.91 19.51
N THR B 467 25.80 1.75 20.14
CA THR B 467 26.31 2.84 20.96
C THR B 467 26.20 2.48 22.44
N HIS B 468 25.07 1.89 22.80
CA HIS B 468 24.89 1.38 24.16
C HIS B 468 25.84 0.23 24.43
N LEU B 469 26.52 -0.22 23.38
CA LEU B 469 27.50 -1.30 23.51
C LEU B 469 28.92 -0.74 23.57
N ASP B 470 29.04 0.57 23.33
CA ASP B 470 30.32 1.27 23.40
C ASP B 470 30.19 2.66 22.78
N TYR B 471 29.98 3.67 23.61
CA TYR B 471 29.84 5.03 23.12
C TYR B 471 31.17 5.56 22.60
N VAL B 472 32.27 5.05 23.17
CA VAL B 472 33.60 5.45 22.75
C VAL B 472 33.81 5.22 21.26
N ASP B 473 33.79 3.96 20.85
CA ASP B 473 34.02 3.59 19.46
C ASP B 473 33.17 4.41 18.49
N THR B 474 31.91 4.65 18.86
CA THR B 474 31.00 5.41 18.02
C THR B 474 31.37 6.90 18.01
N GLU B 475 31.68 7.43 19.19
CA GLU B 475 32.06 8.83 19.31
C GLU B 475 33.37 9.10 18.58
N ILE B 476 34.21 8.07 18.48
CA ILE B 476 35.48 8.18 17.77
C ILE B 476 35.25 8.32 16.27
N ILE B 477 34.41 7.45 15.71
CA ILE B 477 34.06 7.53 14.30
C ILE B 477 33.39 8.86 14.00
N MET B 478 32.57 9.32 14.95
CA MET B 478 31.83 10.56 14.78
C MET B 478 32.76 11.77 14.72
N THR B 479 33.63 11.90 15.72
CA THR B 479 34.54 13.03 15.80
C THR B 479 35.61 12.99 14.71
N LYS B 480 36.08 11.79 14.39
CA LYS B 480 37.09 11.63 13.36
C LYS B 480 36.53 12.04 12.00
N LYS B 481 35.23 11.80 11.83
CA LYS B 481 34.53 12.24 10.63
C LYS B 481 34.41 13.76 10.60
N LEU B 482 34.34 14.36 11.79
CA LEU B 482 34.16 15.80 11.92
C LEU B 482 35.46 16.56 11.71
N GLN B 483 36.54 16.08 12.31
CA GLN B 483 37.85 16.71 12.17
C GLN B 483 38.27 16.71 10.71
N ASN B 484 37.80 15.70 9.97
CA ASN B 484 38.06 15.61 8.54
C ASN B 484 37.05 16.43 7.74
N GLN B 485 35.96 16.83 8.38
CA GLN B 485 34.96 17.66 7.73
C GLN B 485 35.35 19.13 7.72
N VAL B 486 36.42 19.44 8.44
CA VAL B 486 36.94 20.81 8.48
C VAL B 486 38.20 20.91 7.64
N ASN B 487 39.35 20.71 8.28
CA ASN B 487 40.64 20.79 7.60
C ASN B 487 40.89 19.59 6.70
N GLY B 488 40.54 18.41 7.18
CA GLY B 488 40.78 17.18 6.45
C GLY B 488 40.11 17.14 5.09
N THR B 489 39.48 18.25 4.72
CA THR B 489 38.80 18.40 3.43
C THR B 489 38.12 17.13 2.94
N GLU B 490 37.41 16.47 3.86
CA GLU B 490 36.51 15.39 3.50
C GLU B 490 35.17 16.08 3.21
N TRP B 491 35.29 17.37 2.88
CA TRP B 491 34.15 18.27 2.80
C TRP B 491 33.30 18.10 1.55
N SER B 492 31.99 18.21 1.74
CA SER B 492 31.00 18.11 0.67
C SER B 492 29.62 18.34 1.27
N TRP B 493 28.75 19.03 0.53
CA TRP B 493 27.42 19.34 1.03
C TRP B 493 26.66 18.10 1.47
N LYS B 494 26.75 17.04 0.66
CA LYS B 494 26.11 15.77 1.00
C LYS B 494 26.73 15.14 2.23
N ASN B 495 28.05 15.31 2.37
CA ASN B 495 28.79 14.72 3.48
C ASN B 495 28.44 15.37 4.81
N LEU B 496 28.54 16.69 4.87
CA LEU B 496 28.21 17.43 6.08
C LEU B 496 26.80 17.10 6.54
N ASN B 497 25.89 16.92 5.59
CA ASN B 497 24.53 16.50 5.88
C ASN B 497 24.49 15.11 6.49
N THR B 498 24.98 14.13 5.73
CA THR B 498 24.98 12.74 6.16
C THR B 498 25.50 12.56 7.59
N LEU B 499 26.53 13.33 7.94
CA LEU B 499 27.10 13.24 9.27
C LEU B 499 26.15 13.76 10.34
N CYS B 500 25.60 14.95 10.11
CA CYS B 500 24.71 15.58 11.08
C CYS B 500 23.40 14.81 11.23
N TRP B 501 23.18 13.85 10.35
CA TRP B 501 22.05 12.95 10.47
C TRP B 501 22.42 11.84 11.46
N ALA B 502 23.69 11.47 11.45
CA ALA B 502 24.21 10.45 12.34
C ALA B 502 24.33 10.96 13.78
N ILE B 503 24.76 12.22 13.92
CA ILE B 503 24.91 12.81 15.24
C ILE B 503 23.55 13.06 15.88
N GLY B 504 22.65 13.66 15.13
CA GLY B 504 21.29 13.89 15.59
C GLY B 504 20.50 12.60 15.66
N SER B 505 21.20 11.48 15.44
CA SER B 505 20.56 10.16 15.47
C SER B 505 20.67 9.52 16.85
N ILE B 506 21.88 9.40 17.35
CA ILE B 506 22.13 8.73 18.62
C ILE B 506 21.77 9.61 19.83
N SER B 507 20.76 10.44 19.67
CA SER B 507 20.32 11.31 20.75
C SER B 507 19.89 10.49 21.96
N GLY B 508 20.29 10.93 23.15
CA GLY B 508 19.94 10.24 24.37
C GLY B 508 20.41 8.80 24.40
N ALA B 509 21.40 8.48 23.57
CA ALA B 509 21.96 7.13 23.53
C ALA B 509 23.06 6.98 24.55
N MET B 510 23.59 8.10 25.02
CA MET B 510 24.65 8.10 26.02
C MET B 510 24.22 8.85 27.28
N HIS B 511 25.04 8.77 28.31
CA HIS B 511 24.75 9.44 29.58
C HIS B 511 24.76 10.95 29.38
N GLU B 512 23.94 11.66 30.16
CA GLU B 512 23.81 13.10 30.00
C GLU B 512 25.14 13.82 30.18
N GLU B 513 26.10 13.14 30.79
CA GLU B 513 27.43 13.71 30.98
C GLU B 513 28.29 13.52 29.74
N ASP B 514 28.40 12.29 29.26
CA ASP B 514 29.15 11.99 28.05
C ASP B 514 28.54 12.72 26.85
N GLU B 515 27.29 13.13 27.00
CA GLU B 515 26.59 13.85 25.95
C GLU B 515 26.94 15.34 25.99
N LYS B 516 27.16 15.86 27.19
CA LYS B 516 27.45 17.28 27.37
C LYS B 516 28.74 17.69 26.66
N ARG B 517 29.79 16.88 26.83
CA ARG B 517 31.06 17.19 26.18
C ARG B 517 31.01 16.90 24.69
N PHE B 518 30.25 15.87 24.30
CA PHE B 518 30.14 15.50 22.91
C PHE B 518 29.50 16.60 22.07
N LEU B 519 28.51 17.28 22.64
CA LEU B 519 27.82 18.35 21.93
C LEU B 519 28.68 19.60 21.80
N VAL B 520 29.09 20.16 22.93
CA VAL B 520 29.89 21.38 22.94
C VAL B 520 31.16 21.20 22.11
N THR B 521 31.58 19.95 21.94
CA THR B 521 32.71 19.64 21.09
C THR B 521 32.35 19.79 19.62
N VAL B 522 31.19 19.23 19.25
CA VAL B 522 30.73 19.26 17.87
C VAL B 522 30.24 20.65 17.45
N ILE B 523 29.37 21.24 18.27
CA ILE B 523 28.76 22.52 17.91
C ILE B 523 29.74 23.68 17.94
N LYS B 524 30.95 23.43 18.46
CA LYS B 524 31.99 24.45 18.47
C LYS B 524 32.91 24.30 17.25
N ASP B 525 33.12 23.06 16.83
CA ASP B 525 33.94 22.79 15.65
C ASP B 525 33.21 23.20 14.38
N LEU B 526 31.88 23.07 14.39
CA LEU B 526 31.05 23.48 13.28
C LEU B 526 30.93 25.00 13.21
N LEU B 527 30.96 25.63 14.37
CA LEU B 527 30.93 27.09 14.45
C LEU B 527 32.22 27.67 13.87
N GLY B 528 33.36 27.10 14.26
CA GLY B 528 34.63 27.49 13.69
C GLY B 528 34.68 27.16 12.21
N LEU B 529 33.98 26.09 11.84
CA LEU B 529 33.88 25.68 10.44
C LEU B 529 33.01 26.65 9.66
N CYS B 530 32.08 27.30 10.36
CA CYS B 530 31.18 28.26 9.75
C CYS B 530 31.91 29.57 9.50
N GLU B 531 33.06 29.74 10.14
CA GLU B 531 33.88 30.94 9.96
C GLU B 531 34.78 30.76 8.74
N GLN B 532 35.46 29.62 8.67
CA GLN B 532 36.29 29.30 7.53
C GLN B 532 35.49 29.45 6.24
N LYS B 533 34.52 28.56 6.04
CA LYS B 533 33.63 28.64 4.90
C LYS B 533 32.94 30.00 4.85
N ARG B 534 33.16 30.74 3.78
CA ARG B 534 32.51 32.03 3.60
C ARG B 534 31.57 32.02 2.40
N GLY B 535 30.75 33.06 2.30
CA GLY B 535 29.71 33.11 1.29
C GLY B 535 28.42 32.57 1.86
N LYS B 536 27.36 33.38 1.78
CA LYS B 536 26.06 33.02 2.34
C LYS B 536 25.63 31.61 1.94
N ASP B 537 26.13 31.13 0.82
CA ASP B 537 25.75 29.82 0.29
C ASP B 537 26.18 28.68 1.20
N ASN B 538 27.45 28.68 1.60
CA ASN B 538 27.99 27.61 2.43
C ASN B 538 27.74 27.81 3.92
N LYS B 539 27.60 29.06 4.35
CA LYS B 539 27.31 29.35 5.75
C LYS B 539 25.88 28.94 6.12
N ALA B 540 25.06 28.73 5.09
CA ALA B 540 23.68 28.30 5.30
C ALA B 540 23.63 26.81 5.63
N ILE B 541 24.19 26.00 4.75
CA ILE B 541 24.17 24.54 4.91
C ILE B 541 24.82 24.13 6.22
N ILE B 542 25.82 24.89 6.66
CA ILE B 542 26.51 24.62 7.92
C ILE B 542 25.63 24.98 9.11
N ALA B 543 25.05 26.17 9.08
CA ALA B 543 24.17 26.63 10.15
C ALA B 543 22.97 25.70 10.30
N SER B 544 22.45 25.24 9.17
CA SER B 544 21.30 24.32 9.17
C SER B 544 21.64 23.03 9.91
N ASN B 545 22.78 22.44 9.58
CA ASN B 545 23.20 21.19 10.19
C ASN B 545 23.61 21.34 11.65
N ILE B 546 23.68 22.58 12.11
CA ILE B 546 23.91 22.85 13.53
C ILE B 546 22.56 22.98 14.23
N MET B 547 21.65 23.72 13.59
CA MET B 547 20.31 23.90 14.12
C MET B 547 19.59 22.56 14.28
N TYR B 548 19.76 21.69 13.30
CA TYR B 548 19.13 20.36 13.34
C TYR B 548 19.72 19.50 14.45
N ILE B 549 21.05 19.53 14.60
CA ILE B 549 21.72 18.79 15.66
C ILE B 549 21.15 19.19 17.01
N VAL B 550 20.93 20.49 17.19
CA VAL B 550 20.38 21.01 18.42
C VAL B 550 18.95 20.52 18.66
N GLY B 551 18.11 20.66 17.63
CA GLY B 551 16.72 20.26 17.71
C GLY B 551 16.54 18.79 18.06
N GLN B 552 17.57 17.99 17.78
CA GLN B 552 17.51 16.56 18.06
C GLN B 552 18.06 16.24 19.45
N TYR B 553 18.48 17.27 20.17
CA TYR B 553 18.98 17.11 21.52
C TYR B 553 18.26 18.02 22.51
N PRO B 554 17.01 17.67 22.85
CA PRO B 554 16.18 18.47 23.76
C PRO B 554 16.71 18.46 25.18
N ARG B 555 17.09 17.27 25.67
CA ARG B 555 17.59 17.13 27.03
C ARG B 555 18.70 18.13 27.33
N PHE B 556 19.56 18.37 26.35
CA PHE B 556 20.66 19.31 26.51
C PHE B 556 20.16 20.74 26.70
N LEU B 557 19.22 21.16 25.85
CA LEU B 557 18.74 22.53 25.86
C LEU B 557 18.05 22.93 27.16
N ARG B 558 17.37 21.98 27.79
CA ARG B 558 16.61 22.27 29.00
C ARG B 558 17.49 22.67 30.19
N ALA B 559 18.64 21.99 30.32
CA ALA B 559 19.54 22.26 31.44
C ALA B 559 20.23 23.62 31.31
N HIS B 560 20.70 23.93 30.11
CA HIS B 560 21.45 25.16 29.87
C HIS B 560 20.57 26.24 29.24
N TRP B 561 19.81 26.94 30.08
CA TRP B 561 18.88 27.95 29.61
C TRP B 561 19.56 29.08 28.83
N LYS B 562 20.69 29.56 29.33
CA LYS B 562 21.42 30.62 28.65
C LYS B 562 21.72 30.24 27.20
N PHE B 563 22.10 28.99 27.00
CA PHE B 563 22.37 28.49 25.65
C PHE B 563 21.11 28.41 24.82
N LEU B 564 20.03 27.93 25.44
CA LEU B 564 18.74 27.84 24.77
C LEU B 564 18.22 29.22 24.40
N LYS B 565 18.27 30.14 25.36
CA LYS B 565 17.81 31.51 25.16
C LYS B 565 18.49 32.13 23.94
N THR B 566 19.62 31.57 23.55
CA THR B 566 20.39 32.07 22.42
C THR B 566 19.92 31.42 21.11
N VAL B 567 19.86 30.09 21.11
CA VAL B 567 19.48 29.35 19.91
C VAL B 567 18.17 29.86 19.33
N VAL B 568 17.19 30.10 20.21
CA VAL B 568 15.90 30.61 19.78
C VAL B 568 16.03 32.02 19.22
N ASN B 569 16.82 32.86 19.90
CA ASN B 569 17.05 34.23 19.46
C ASN B 569 17.72 34.28 18.09
N LYS B 570 18.68 33.37 17.87
CA LYS B 570 19.37 33.31 16.59
C LYS B 570 18.45 32.77 15.51
N LEU B 571 17.39 32.08 15.93
CA LEU B 571 16.36 31.62 15.01
C LEU B 571 15.46 32.79 14.63
N PHE B 572 15.25 33.71 15.57
CA PHE B 572 14.52 34.94 15.28
C PHE B 572 15.37 35.83 14.39
N GLU B 573 16.62 35.43 14.20
CA GLU B 573 17.53 36.14 13.31
C GLU B 573 17.38 35.60 11.88
N PHE B 574 17.46 34.28 11.74
CA PHE B 574 17.33 33.63 10.45
C PHE B 574 15.97 33.89 9.81
N MET B 575 15.03 34.36 10.62
CA MET B 575 13.71 34.71 10.13
C MET B 575 13.83 35.76 9.02
N HIS B 576 14.86 36.60 9.14
CA HIS B 576 15.04 37.71 8.22
C HIS B 576 16.02 37.42 7.09
N GLU B 577 16.63 36.24 7.13
CA GLU B 577 17.55 35.83 6.07
C GLU B 577 16.78 35.43 4.82
N THR B 578 16.65 36.37 3.89
CA THR B 578 15.86 36.15 2.68
C THR B 578 16.46 35.09 1.78
N HIS B 579 17.67 34.64 2.10
CA HIS B 579 18.32 33.59 1.31
C HIS B 579 17.51 32.31 1.38
N ASP B 580 17.21 31.74 0.22
CA ASP B 580 16.38 30.54 0.12
C ASP B 580 16.74 29.46 1.15
N GLY B 581 15.74 28.71 1.59
CA GLY B 581 15.96 27.59 2.48
C GLY B 581 16.10 27.98 3.94
N VAL B 582 16.84 29.05 4.18
CA VAL B 582 17.11 29.49 5.55
C VAL B 582 15.84 29.76 6.34
N GLN B 583 14.99 30.63 5.81
CA GLN B 583 13.74 30.98 6.48
C GLN B 583 12.91 29.75 6.86
N ASP B 584 12.86 28.77 5.96
CA ASP B 584 12.14 27.53 6.23
C ASP B 584 12.79 26.76 7.38
N MET B 585 14.11 26.62 7.32
CA MET B 585 14.85 25.91 8.36
C MET B 585 14.66 26.57 9.72
N ALA B 586 14.57 27.90 9.71
CA ALA B 586 14.43 28.67 10.95
C ALA B 586 13.13 28.35 11.66
N CYS B 587 12.07 28.15 10.89
CA CYS B 587 10.75 27.86 11.44
C CYS B 587 10.60 26.38 11.77
N ASP B 588 11.21 25.53 10.95
CA ASP B 588 11.20 24.09 11.20
C ASP B 588 11.95 23.77 12.48
N THR B 589 13.18 24.27 12.58
CA THR B 589 14.02 24.02 13.74
C THR B 589 13.50 24.75 14.97
N PHE B 590 12.62 25.72 14.76
CA PHE B 590 12.03 26.47 15.86
C PHE B 590 10.87 25.71 16.50
N ILE B 591 9.90 25.31 15.69
CA ILE B 591 8.75 24.57 16.18
C ILE B 591 9.19 23.24 16.78
N LYS B 592 10.35 22.76 16.35
CA LYS B 592 10.95 21.57 16.92
C LYS B 592 11.24 21.77 18.40
N ILE B 593 11.86 22.91 18.72
CA ILE B 593 12.23 23.24 20.08
C ILE B 593 11.01 23.69 20.88
N ALA B 594 10.18 24.51 20.25
CA ALA B 594 8.99 25.06 20.91
C ALA B 594 8.14 23.98 21.59
N GLN B 595 8.14 22.79 21.01
CA GLN B 595 7.35 21.68 21.56
C GLN B 595 8.07 21.03 22.73
N LYS B 596 9.28 20.54 22.47
CA LYS B 596 10.03 19.75 23.44
C LYS B 596 10.50 20.57 24.64
N CYS B 597 10.45 21.89 24.51
CA CYS B 597 10.92 22.77 25.57
C CYS B 597 9.87 23.80 25.96
N ARG B 598 8.61 23.48 25.66
CA ARG B 598 7.50 24.40 25.93
C ARG B 598 7.47 24.86 27.39
N ARG B 599 7.98 24.02 28.28
CA ARG B 599 7.93 24.28 29.72
C ARG B 599 8.81 25.47 30.14
N HIS B 600 9.90 25.68 29.42
CA HIS B 600 10.88 26.69 29.81
C HIS B 600 10.52 28.09 29.35
N PHE B 601 9.71 28.19 28.30
CA PHE B 601 9.32 29.49 27.76
C PHE B 601 8.25 30.17 28.60
N VAL B 602 7.53 29.38 29.39
CA VAL B 602 6.40 29.91 30.17
C VAL B 602 6.73 30.27 31.61
N GLN B 603 7.42 29.39 32.32
CA GLN B 603 7.77 29.65 33.71
C GLN B 603 8.99 30.56 33.78
N VAL B 604 9.10 31.32 34.85
CA VAL B 604 10.23 32.23 35.02
C VAL B 604 11.54 31.47 35.14
N GLN B 605 12.59 32.02 34.55
CA GLN B 605 13.91 31.39 34.61
C GLN B 605 14.79 32.04 35.67
N VAL B 606 15.63 31.24 36.31
CA VAL B 606 16.58 31.75 37.29
C VAL B 606 17.56 32.69 36.60
N GLY B 607 17.69 33.90 37.13
CA GLY B 607 18.49 34.93 36.50
C GLY B 607 17.75 35.53 35.33
N GLU B 608 16.49 35.91 35.57
CA GLU B 608 15.65 36.47 34.52
C GLU B 608 14.57 37.34 35.14
N VAL B 609 14.24 38.44 34.45
CA VAL B 609 13.18 39.34 34.91
C VAL B 609 11.82 38.66 34.91
N MET B 610 11.34 38.30 33.72
CA MET B 610 10.06 37.65 33.56
C MET B 610 10.20 36.48 32.61
N PRO B 611 9.19 35.58 32.58
CA PRO B 611 9.24 34.46 31.64
C PRO B 611 9.52 34.92 30.21
N PHE B 612 10.10 34.03 29.40
CA PHE B 612 10.57 34.40 28.07
C PHE B 612 9.44 34.65 27.07
N ILE B 613 8.42 33.80 27.11
CA ILE B 613 7.30 33.89 26.17
C ILE B 613 6.76 35.31 26.04
N ASP B 614 6.74 36.04 27.15
CA ASP B 614 6.21 37.40 27.18
C ASP B 614 6.92 38.29 26.17
N GLU B 615 8.24 38.41 26.32
CA GLU B 615 9.04 39.21 25.41
C GLU B 615 8.80 38.80 23.95
N ILE B 616 8.63 37.50 23.74
CA ILE B 616 8.38 36.97 22.40
C ILE B 616 7.09 37.53 21.81
N LEU B 617 6.10 37.74 22.67
CA LEU B 617 4.81 38.27 22.24
C LEU B 617 4.87 39.78 22.06
N ASN B 618 5.62 40.46 22.92
CA ASN B 618 5.78 41.91 22.82
C ASN B 618 6.56 42.31 21.59
N ASN B 619 7.36 41.38 21.08
CA ASN B 619 8.17 41.61 19.88
C ASN B 619 7.89 40.59 18.78
N ILE B 620 6.61 40.43 18.43
CA ILE B 620 6.23 39.46 17.41
C ILE B 620 6.15 40.12 16.03
N ASN B 621 5.95 41.44 16.03
CA ASN B 621 5.84 42.20 14.79
C ASN B 621 7.19 42.44 14.12
N THR B 622 8.24 41.87 14.69
CA THR B 622 9.59 42.03 14.14
C THR B 622 10.23 40.67 13.87
N ILE B 623 9.68 39.62 14.44
CA ILE B 623 10.21 38.27 14.22
C ILE B 623 9.67 37.68 12.92
N ILE B 624 8.47 38.10 12.54
CA ILE B 624 7.85 37.65 11.30
C ILE B 624 7.86 38.79 10.28
N CYS B 625 8.53 39.88 10.63
CA CYS B 625 8.60 41.07 9.79
C CYS B 625 8.58 40.75 8.30
N ASP B 626 9.50 39.90 7.86
CA ASP B 626 9.59 39.52 6.45
C ASP B 626 9.57 38.01 6.26
N LEU B 627 8.51 37.38 6.76
CA LEU B 627 8.31 35.94 6.58
C LEU B 627 7.22 35.65 5.55
N GLN B 628 7.41 34.60 4.78
CA GLN B 628 6.38 34.12 3.86
C GLN B 628 5.15 33.76 4.68
N PRO B 629 3.95 33.94 4.10
CA PRO B 629 2.71 33.64 4.81
C PRO B 629 2.72 32.23 5.39
N GLN B 630 3.18 31.25 4.62
CA GLN B 630 3.24 29.87 5.06
C GLN B 630 4.09 29.70 6.32
N GLN B 631 5.09 30.57 6.46
CA GLN B 631 6.00 30.50 7.60
C GLN B 631 5.43 31.20 8.83
N VAL B 632 4.72 32.30 8.61
CA VAL B 632 4.07 33.02 9.70
C VAL B 632 3.14 32.08 10.46
N HIS B 633 2.45 31.21 9.71
CA HIS B 633 1.56 30.22 10.29
C HIS B 633 2.35 29.24 11.16
N THR B 634 3.37 28.63 10.55
CA THR B 634 4.22 27.67 11.27
C THR B 634 4.81 28.28 12.53
N PHE B 635 5.19 29.55 12.46
CA PHE B 635 5.74 30.24 13.61
C PHE B 635 4.70 30.35 14.73
N TYR B 636 3.48 30.71 14.37
CA TYR B 636 2.41 30.83 15.35
C TYR B 636 2.15 29.49 16.03
N GLU B 637 1.96 28.44 15.23
CA GLU B 637 1.75 27.11 15.77
C GLU B 637 2.83 26.79 16.80
N ALA B 638 4.05 27.20 16.52
CA ALA B 638 5.18 26.99 17.42
C ALA B 638 4.93 27.67 18.76
N VAL B 639 4.54 28.95 18.72
CA VAL B 639 4.23 29.68 19.93
C VAL B 639 3.02 29.09 20.65
N GLY B 640 2.09 28.55 19.86
CA GLY B 640 0.89 27.93 20.41
C GLY B 640 1.20 26.89 21.46
N TYR B 641 2.20 26.06 21.19
CA TYR B 641 2.61 25.02 22.14
C TYR B 641 3.11 25.64 23.44
N MET B 642 3.91 26.69 23.30
CA MET B 642 4.44 27.40 24.46
C MET B 642 3.30 27.97 25.30
N ILE B 643 2.34 28.62 24.64
CA ILE B 643 1.17 29.15 25.32
C ILE B 643 0.40 28.03 26.01
N GLY B 644 0.56 26.82 25.50
CA GLY B 644 -0.12 25.65 26.04
C GLY B 644 0.47 25.18 27.34
N ALA B 645 1.78 25.04 27.39
CA ALA B 645 2.47 24.57 28.59
C ALA B 645 2.05 25.35 29.83
N GLN B 646 1.65 26.60 29.64
CA GLN B 646 1.15 27.41 30.73
C GLN B 646 -0.22 26.88 31.17
N THR B 647 -0.24 26.07 32.23
CA THR B 647 -1.45 25.39 32.67
C THR B 647 -2.45 26.35 33.33
N ASP B 648 -1.96 27.24 34.19
CA ASP B 648 -2.82 28.17 34.91
C ASP B 648 -3.76 28.91 33.96
N GLN B 649 -5.04 28.91 34.30
CA GLN B 649 -6.07 29.52 33.45
C GLN B 649 -5.93 31.04 33.36
N THR B 650 -6.03 31.71 34.50
CA THR B 650 -6.00 33.16 34.55
C THR B 650 -4.93 33.75 33.63
N VAL B 651 -3.72 33.23 33.73
CA VAL B 651 -2.60 33.72 32.93
C VAL B 651 -2.74 33.33 31.46
N GLN B 652 -2.99 32.05 31.21
CA GLN B 652 -3.05 31.52 29.85
C GLN B 652 -4.05 32.27 28.98
N GLU B 653 -5.03 32.90 29.62
CA GLU B 653 -6.06 33.65 28.89
C GLU B 653 -5.51 34.98 28.37
N HIS B 654 -4.65 35.61 29.14
CA HIS B 654 -4.02 36.86 28.72
C HIS B 654 -2.92 36.59 27.69
N LEU B 655 -2.28 35.44 27.80
CA LEU B 655 -1.24 35.04 26.85
C LEU B 655 -1.83 34.75 25.47
N ILE B 656 -3.16 34.68 25.41
CA ILE B 656 -3.85 34.42 24.14
C ILE B 656 -4.41 35.72 23.54
N GLU B 657 -4.93 36.59 24.39
CA GLU B 657 -5.42 37.88 23.93
C GLU B 657 -4.28 38.70 23.34
N LYS B 658 -3.07 38.48 23.86
CA LYS B 658 -1.88 39.10 23.32
C LYS B 658 -1.36 38.27 22.15
N TYR B 659 -1.47 36.95 22.30
CA TYR B 659 -1.11 36.00 21.24
C TYR B 659 -1.78 36.42 19.94
N MET B 660 -3.09 36.19 19.86
CA MET B 660 -3.87 36.56 18.68
C MET B 660 -4.23 38.05 18.73
N LEU B 661 -3.21 38.90 18.70
CA LEU B 661 -3.42 40.34 18.75
C LEU B 661 -3.28 40.98 17.37
N LEU B 662 -2.32 40.50 16.59
CA LEU B 662 -2.10 41.01 15.24
C LEU B 662 -3.19 40.55 14.27
N PRO B 663 -3.54 39.26 14.28
CA PRO B 663 -4.60 38.76 13.40
C PRO B 663 -5.94 39.43 13.68
N ASN B 664 -6.18 39.80 14.94
CA ASN B 664 -7.45 40.40 15.32
C ASN B 664 -7.57 41.88 14.96
N GLN B 665 -6.43 42.50 14.65
CA GLN B 665 -6.43 43.88 14.16
C GLN B 665 -6.85 43.89 12.70
N VAL B 666 -6.22 43.01 11.92
CA VAL B 666 -6.55 42.85 10.51
C VAL B 666 -7.98 42.32 10.36
N TRP B 667 -8.35 41.39 11.24
CA TRP B 667 -9.68 40.81 11.22
C TRP B 667 -10.74 41.89 11.47
N ASP B 668 -10.62 42.60 12.59
CA ASP B 668 -11.54 43.68 12.91
C ASP B 668 -11.47 44.80 11.88
N SER B 669 -10.31 44.92 11.24
CA SER B 669 -10.12 45.93 10.20
C SER B 669 -10.97 45.61 8.97
N ILE B 670 -10.95 44.34 8.57
CA ILE B 670 -11.73 43.90 7.42
C ILE B 670 -13.23 43.84 7.76
N ILE B 671 -13.54 43.33 8.94
CA ILE B 671 -14.92 43.31 9.41
C ILE B 671 -15.52 44.71 9.38
N GLN B 672 -14.79 45.67 9.95
CA GLN B 672 -15.23 47.06 9.97
C GLN B 672 -15.25 47.66 8.57
N GLN B 673 -14.17 47.46 7.83
CA GLN B 673 -14.04 47.98 6.48
C GLN B 673 -15.14 47.46 5.57
N ALA B 674 -15.65 46.27 5.89
CA ALA B 674 -16.67 45.62 5.06
C ALA B 674 -18.08 45.86 5.58
N THR B 675 -18.23 46.00 6.90
CA THR B 675 -19.53 46.23 7.49
C THR B 675 -20.20 47.43 6.82
N LYS B 676 -19.38 48.36 6.35
CA LYS B 676 -19.85 49.47 5.53
C LYS B 676 -19.66 49.07 4.08
N ASN B 677 -20.75 48.80 3.37
CA ASN B 677 -20.67 48.32 2.00
C ASN B 677 -19.98 46.96 1.93
N VAL B 678 -20.78 45.90 1.84
CA VAL B 678 -20.26 44.54 1.91
C VAL B 678 -19.61 44.09 0.60
N ASP B 679 -19.03 45.04 -0.13
CA ASP B 679 -18.35 44.73 -1.38
C ASP B 679 -16.89 44.36 -1.15
N ILE B 680 -16.35 44.77 -0.02
CA ILE B 680 -14.96 44.49 0.33
C ILE B 680 -14.61 43.02 0.15
N LEU B 681 -15.59 42.16 0.42
CA LEU B 681 -15.37 40.71 0.34
C LEU B 681 -15.38 40.20 -1.10
N LYS B 682 -15.06 41.07 -2.05
CA LYS B 682 -15.01 40.69 -3.46
C LYS B 682 -13.69 41.16 -4.08
N ASP B 683 -12.77 41.62 -3.23
CA ASP B 683 -11.46 42.04 -3.68
C ASP B 683 -10.44 40.94 -3.43
N PRO B 684 -9.78 40.46 -4.50
CA PRO B 684 -8.85 39.34 -4.48
C PRO B 684 -7.84 39.40 -3.33
N GLU B 685 -7.45 40.61 -2.92
CA GLU B 685 -6.47 40.78 -1.87
C GLU B 685 -7.06 40.55 -0.47
N THR B 686 -8.09 41.33 -0.14
CA THR B 686 -8.69 41.27 1.19
C THR B 686 -9.34 39.93 1.49
N VAL B 687 -9.63 39.15 0.45
CA VAL B 687 -10.19 37.81 0.64
C VAL B 687 -9.07 36.81 0.86
N LYS B 688 -7.92 37.06 0.24
CA LYS B 688 -6.75 36.22 0.43
C LYS B 688 -6.25 36.32 1.86
N GLN B 689 -6.36 37.52 2.43
CA GLN B 689 -5.87 37.78 3.78
C GLN B 689 -6.73 37.07 4.82
N LEU B 690 -8.04 37.09 4.61
CA LEU B 690 -8.95 36.40 5.51
C LEU B 690 -8.64 34.91 5.57
N GLY B 691 -8.23 34.36 4.43
CA GLY B 691 -7.82 32.98 4.36
C GLY B 691 -6.51 32.76 5.09
N SER B 692 -5.72 33.83 5.19
CA SER B 692 -4.43 33.77 5.88
C SER B 692 -4.61 33.87 7.39
N ILE B 693 -5.60 34.65 7.81
CA ILE B 693 -5.90 34.81 9.23
C ILE B 693 -6.47 33.53 9.82
N LEU B 694 -7.48 32.98 9.15
CA LEU B 694 -8.10 31.74 9.59
C LEU B 694 -7.10 30.59 9.64
N LYS B 695 -6.29 30.47 8.58
CA LYS B 695 -5.28 29.44 8.52
C LYS B 695 -4.28 29.57 9.67
N THR B 696 -4.26 30.76 10.27
CA THR B 696 -3.43 31.00 11.45
C THR B 696 -4.16 30.56 12.71
N ASN B 697 -5.42 30.97 12.85
CA ASN B 697 -6.25 30.54 13.96
C ASN B 697 -6.35 29.02 14.02
N VAL B 698 -6.36 28.39 12.85
CA VAL B 698 -6.40 26.94 12.74
C VAL B 698 -5.14 26.31 13.32
N ARG B 699 -4.02 27.02 13.17
CA ARG B 699 -2.74 26.54 13.69
C ARG B 699 -2.64 26.73 15.20
N ALA B 700 -2.88 27.96 15.65
CA ALA B 700 -2.84 28.28 17.08
C ALA B 700 -3.77 27.35 17.86
N CYS B 701 -4.96 27.14 17.32
CA CYS B 701 -5.93 26.22 17.91
C CYS B 701 -5.42 24.79 17.89
N LYS B 702 -4.69 24.46 16.84
CA LYS B 702 -4.13 23.12 16.67
C LYS B 702 -3.05 22.86 17.71
N ALA B 703 -2.75 23.89 18.51
CA ALA B 703 -1.72 23.78 19.53
C ALA B 703 -2.26 24.08 20.94
N VAL B 704 -2.81 25.27 21.10
CA VAL B 704 -3.29 25.73 22.41
C VAL B 704 -4.32 24.79 23.01
N GLY B 705 -5.26 24.34 22.18
CA GLY B 705 -6.27 23.39 22.62
C GLY B 705 -7.57 24.04 23.07
N HIS B 706 -8.14 23.50 24.14
CA HIS B 706 -9.42 23.99 24.65
C HIS B 706 -9.42 25.47 25.04
N PRO B 707 -8.39 25.91 25.78
CA PRO B 707 -8.33 27.30 26.22
C PRO B 707 -8.37 28.30 25.05
N PHE B 708 -8.28 27.79 23.83
CA PHE B 708 -8.35 28.64 22.64
C PHE B 708 -9.77 29.13 22.39
N VAL B 709 -10.73 28.52 23.09
CA VAL B 709 -12.13 28.87 22.94
C VAL B 709 -12.39 30.37 23.07
N ILE B 710 -11.70 31.00 24.01
CA ILE B 710 -11.84 32.44 24.23
C ILE B 710 -11.60 33.22 22.94
N GLN B 711 -10.73 32.68 22.08
CA GLN B 711 -10.43 33.31 20.80
C GLN B 711 -11.53 33.01 19.78
N LEU B 712 -11.81 31.73 19.58
CA LEU B 712 -12.82 31.30 18.62
C LEU B 712 -14.16 31.96 18.90
N GLY B 713 -14.52 32.04 20.17
CA GLY B 713 -15.78 32.64 20.57
C GLY B 713 -15.83 34.14 20.34
N ARG B 714 -14.66 34.76 20.21
CA ARG B 714 -14.58 36.20 19.97
C ARG B 714 -14.98 36.56 18.54
N ILE B 715 -14.43 35.84 17.58
CA ILE B 715 -14.67 36.14 16.18
C ILE B 715 -15.78 35.27 15.60
N TYR B 716 -16.23 34.29 16.39
CA TYR B 716 -17.16 33.28 15.92
C TYR B 716 -18.30 33.84 15.05
N LEU B 717 -19.16 34.64 15.65
CA LEU B 717 -20.31 35.20 14.93
C LEU B 717 -19.90 35.95 13.67
N ASP B 718 -18.77 36.65 13.74
CA ASP B 718 -18.24 37.34 12.56
C ASP B 718 -17.70 36.34 11.54
N MET B 719 -16.98 35.34 12.03
CA MET B 719 -16.38 34.31 11.19
C MET B 719 -17.44 33.58 10.37
N LEU B 720 -18.61 33.39 10.95
CA LEU B 720 -19.70 32.71 10.26
C LEU B 720 -20.43 33.64 9.31
N ASN B 721 -20.68 34.86 9.76
CA ASN B 721 -21.35 35.86 8.93
C ASN B 721 -20.62 36.12 7.60
N VAL B 722 -19.32 35.86 7.60
CA VAL B 722 -18.52 36.02 6.38
C VAL B 722 -18.51 34.73 5.56
N TYR B 723 -18.37 33.60 6.23
CA TYR B 723 -18.46 32.30 5.57
C TYR B 723 -19.75 32.23 4.76
N LYS B 724 -20.83 32.70 5.35
CA LYS B 724 -22.13 32.73 4.69
C LYS B 724 -22.10 33.68 3.50
N CYS B 725 -21.55 34.87 3.71
CA CYS B 725 -21.52 35.89 2.66
C CYS B 725 -20.66 35.47 1.48
N LEU B 726 -19.76 34.51 1.72
CA LEU B 726 -18.88 34.03 0.65
C LEU B 726 -19.50 32.86 -0.10
N SER B 727 -20.02 31.89 0.65
CA SER B 727 -20.64 30.72 0.05
C SER B 727 -21.78 31.13 -0.87
N GLU B 728 -22.34 32.31 -0.62
CA GLU B 728 -23.37 32.86 -1.48
C GLU B 728 -22.76 33.39 -2.78
N ASN B 729 -21.72 34.20 -2.64
CA ASN B 729 -21.04 34.77 -3.81
C ASN B 729 -20.46 33.70 -4.72
N ILE B 730 -20.15 32.54 -4.15
CA ILE B 730 -19.70 31.40 -4.93
C ILE B 730 -20.86 30.82 -5.72
N SER B 731 -21.94 30.52 -5.01
CA SER B 731 -23.16 30.00 -5.64
C SER B 731 -23.60 30.92 -6.77
N ALA B 732 -23.72 32.21 -6.48
CA ALA B 732 -24.13 33.19 -7.47
C ALA B 732 -23.18 33.20 -8.67
N ALA B 733 -21.89 33.00 -8.40
CA ALA B 733 -20.88 32.99 -9.46
C ALA B 733 -20.98 31.71 -10.29
N ILE B 734 -21.31 30.60 -9.63
CA ILE B 734 -21.46 29.32 -10.30
C ILE B 734 -22.66 29.35 -11.25
N GLN B 735 -23.75 29.96 -10.80
CA GLN B 735 -24.96 30.05 -11.61
C GLN B 735 -24.75 30.94 -12.82
N ALA B 736 -24.70 32.26 -12.58
CA ALA B 736 -24.66 33.25 -13.65
C ALA B 736 -23.49 33.08 -14.64
N ASN B 737 -22.42 32.45 -14.20
CA ASN B 737 -21.22 32.36 -15.02
C ASN B 737 -20.74 30.93 -15.31
N GLY B 738 -21.45 29.94 -14.76
CA GLY B 738 -21.09 28.55 -14.99
C GLY B 738 -20.19 27.99 -13.90
N GLU B 739 -19.78 26.73 -14.07
CA GLU B 739 -18.98 26.06 -13.06
C GLU B 739 -17.48 26.21 -13.28
N MET B 740 -17.09 26.82 -14.39
CA MET B 740 -15.68 27.01 -14.70
C MET B 740 -15.09 28.22 -13.97
N VAL B 741 -15.93 28.89 -13.19
CA VAL B 741 -15.45 29.98 -12.34
C VAL B 741 -14.90 29.39 -11.05
N THR B 742 -15.21 28.13 -10.81
CA THR B 742 -14.75 27.43 -9.61
C THR B 742 -13.25 27.13 -9.72
N LYS B 743 -12.68 27.41 -10.88
CA LYS B 743 -11.26 27.17 -11.12
C LYS B 743 -10.49 28.46 -11.39
N GLN B 744 -11.05 29.59 -10.97
CA GLN B 744 -10.41 30.88 -11.19
C GLN B 744 -9.97 31.52 -9.88
N PRO B 745 -8.91 32.35 -9.95
CA PRO B 745 -8.25 32.99 -8.81
C PRO B 745 -9.17 33.36 -7.65
N LEU B 746 -10.15 34.22 -7.90
CA LEU B 746 -10.99 34.74 -6.82
C LEU B 746 -11.83 33.66 -6.14
N ILE B 747 -12.55 32.89 -6.94
CA ILE B 747 -13.39 31.82 -6.40
C ILE B 747 -12.53 30.71 -5.80
N ARG B 748 -11.21 30.89 -5.86
CA ARG B 748 -10.28 29.99 -5.21
C ARG B 748 -10.00 30.47 -3.79
N SER B 749 -9.71 31.75 -3.66
CA SER B 749 -9.46 32.37 -2.36
C SER B 749 -10.67 32.23 -1.46
N MET B 750 -11.85 32.54 -2.01
CA MET B 750 -13.09 32.42 -1.28
C MET B 750 -13.35 30.96 -0.91
N ARG B 751 -12.91 30.06 -1.79
CA ARG B 751 -13.09 28.64 -1.58
C ARG B 751 -12.23 28.13 -0.43
N THR B 752 -11.14 28.85 -0.17
CA THR B 752 -10.24 28.49 0.92
C THR B 752 -10.73 29.06 2.24
N VAL B 753 -11.15 30.32 2.22
CA VAL B 753 -11.71 30.97 3.40
C VAL B 753 -12.87 30.14 3.94
N LYS B 754 -13.74 29.68 3.03
CA LYS B 754 -14.85 28.82 3.41
C LYS B 754 -14.38 27.55 4.10
N ARG B 755 -13.45 26.85 3.45
CA ARG B 755 -12.98 25.55 3.94
C ARG B 755 -12.26 25.67 5.28
N GLU B 756 -11.44 26.72 5.42
CA GLU B 756 -10.67 26.90 6.64
C GLU B 756 -11.55 27.17 7.85
N THR B 757 -12.58 27.99 7.68
CA THR B 757 -13.55 28.24 8.75
C THR B 757 -14.05 26.92 9.31
N LEU B 758 -14.17 25.92 8.44
CA LEU B 758 -14.62 24.60 8.83
C LEU B 758 -13.53 23.83 9.59
N LYS B 759 -12.29 24.01 9.17
CA LYS B 759 -11.16 23.33 9.81
C LYS B 759 -10.90 23.89 11.22
N LEU B 760 -11.16 25.18 11.40
CA LEU B 760 -11.01 25.81 12.71
C LEU B 760 -12.08 25.27 13.67
N ILE B 761 -13.33 25.29 13.20
CA ILE B 761 -14.44 24.78 14.00
C ILE B 761 -14.29 23.29 14.27
N SER B 762 -14.27 22.49 13.21
CA SER B 762 -14.12 21.04 13.33
C SER B 762 -12.88 20.71 14.16
N GLY B 763 -11.85 21.54 14.03
CA GLY B 763 -10.61 21.33 14.77
C GLY B 763 -10.79 21.52 16.26
N TRP B 764 -11.13 22.73 16.66
CA TRP B 764 -11.28 23.04 18.08
C TRP B 764 -12.18 22.05 18.82
N VAL B 765 -13.31 21.72 18.22
CA VAL B 765 -14.26 20.80 18.85
C VAL B 765 -13.60 19.46 19.14
N SER B 766 -12.75 19.01 18.23
CA SER B 766 -12.04 17.76 18.39
C SER B 766 -11.28 17.74 19.71
N ARG B 767 -10.78 18.91 20.11
CA ARG B 767 -9.96 19.02 21.31
C ARG B 767 -10.68 19.79 22.41
N SER B 768 -12.00 19.92 22.27
CA SER B 768 -12.80 20.57 23.30
C SER B 768 -13.08 19.59 24.44
N ASN B 769 -13.33 20.12 25.62
CA ASN B 769 -13.61 19.27 26.78
C ASN B 769 -14.72 19.84 27.65
N ASP B 770 -15.85 20.13 27.02
CA ASP B 770 -17.04 20.64 27.71
C ASP B 770 -18.23 20.62 26.76
N PRO B 771 -18.67 19.41 26.39
CA PRO B 771 -19.70 19.16 25.37
C PRO B 771 -20.93 20.06 25.51
N GLN B 772 -21.48 20.17 26.71
CA GLN B 772 -22.69 20.95 26.93
C GLN B 772 -22.50 22.41 26.53
N MET B 773 -21.41 23.01 27.00
CA MET B 773 -21.10 24.41 26.67
C MET B 773 -20.96 24.58 25.16
N VAL B 774 -20.42 23.56 24.50
CA VAL B 774 -20.25 23.59 23.05
C VAL B 774 -21.60 23.62 22.34
N ALA B 775 -22.48 22.70 22.72
CA ALA B 775 -23.78 22.56 22.08
C ALA B 775 -24.67 23.78 22.32
N GLU B 776 -24.56 24.39 23.50
CA GLU B 776 -25.39 25.52 23.85
C GLU B 776 -24.98 26.81 23.13
N ASN B 777 -23.69 26.97 22.90
CA ASN B 777 -23.16 28.24 22.39
C ASN B 777 -22.68 28.22 20.95
N PHE B 778 -21.97 27.16 20.57
CA PHE B 778 -21.32 27.12 19.26
C PHE B 778 -22.11 26.41 18.16
N VAL B 779 -22.95 25.44 18.55
CA VAL B 779 -23.72 24.69 17.57
C VAL B 779 -24.84 25.49 16.88
N PRO B 780 -25.70 26.14 17.68
CA PRO B 780 -26.85 26.88 17.12
C PRO B 780 -26.51 27.78 15.93
N PRO B 781 -25.42 28.57 16.01
CA PRO B 781 -25.09 29.43 14.88
C PRO B 781 -24.86 28.64 13.59
N LEU B 782 -24.24 27.47 13.70
CA LEU B 782 -23.95 26.64 12.54
C LEU B 782 -25.24 26.18 11.87
N LEU B 783 -26.22 25.81 12.67
CA LEU B 783 -27.51 25.33 12.19
C LEU B 783 -28.05 26.24 11.08
N ASP B 784 -27.79 27.54 11.20
CA ASP B 784 -28.30 28.52 10.25
C ASP B 784 -27.25 28.93 9.22
N ALA B 785 -26.05 29.26 9.69
CA ALA B 785 -25.03 29.86 8.85
C ALA B 785 -24.25 28.86 7.98
N VAL B 786 -24.29 27.58 8.35
CA VAL B 786 -23.50 26.58 7.64
C VAL B 786 -24.36 25.54 6.92
N LEU B 787 -25.30 24.95 7.66
CA LEU B 787 -26.13 23.88 7.12
C LEU B 787 -27.22 24.39 6.18
N ILE B 788 -28.03 25.33 6.67
CA ILE B 788 -29.09 25.92 5.87
C ILE B 788 -28.51 26.57 4.61
N ASP B 789 -27.24 26.94 4.68
CA ASP B 789 -26.55 27.53 3.55
C ASP B 789 -25.95 26.45 2.65
N TYR B 790 -25.57 25.33 3.25
CA TYR B 790 -25.06 24.20 2.50
C TYR B 790 -26.13 23.64 1.57
N GLN B 791 -27.38 23.98 1.86
CA GLN B 791 -28.51 23.50 1.07
C GLN B 791 -28.86 24.48 -0.05
N ARG B 792 -29.04 25.74 0.31
CA ARG B 792 -29.36 26.79 -0.66
C ARG B 792 -28.36 26.77 -1.81
N ASN B 793 -27.14 26.35 -1.52
CA ASN B 793 -26.07 26.28 -2.52
C ASN B 793 -26.38 25.33 -3.66
N VAL B 794 -26.13 25.80 -4.89
CA VAL B 794 -26.21 24.95 -6.06
C VAL B 794 -25.20 23.81 -5.91
N PRO B 795 -25.64 22.57 -6.17
CA PRO B 795 -24.85 21.35 -5.99
C PRO B 795 -23.36 21.52 -6.26
N ALA B 796 -23.01 22.13 -7.39
CA ALA B 796 -21.60 22.31 -7.76
C ALA B 796 -20.95 23.46 -7.00
N ALA B 797 -21.31 23.61 -5.73
CA ALA B 797 -20.75 24.67 -4.88
C ALA B 797 -20.87 24.28 -3.42
N ARG B 798 -21.59 23.18 -3.16
CA ARG B 798 -21.73 22.66 -1.82
C ARG B 798 -20.42 22.08 -1.32
N GLU B 799 -19.81 22.73 -0.34
CA GLU B 799 -18.55 22.24 0.22
C GLU B 799 -18.78 20.98 1.05
N PRO B 800 -18.19 19.86 0.60
CA PRO B 800 -18.33 18.57 1.28
C PRO B 800 -17.69 18.57 2.66
N GLU B 801 -16.73 19.48 2.86
CA GLU B 801 -16.08 19.62 4.16
C GLU B 801 -17.10 19.93 5.25
N VAL B 802 -18.30 20.31 4.84
CA VAL B 802 -19.38 20.63 5.77
C VAL B 802 -19.91 19.36 6.44
N LEU B 803 -19.91 18.25 5.69
CA LEU B 803 -20.35 16.97 6.22
C LEU B 803 -19.33 16.44 7.23
N SER B 804 -18.05 16.47 6.84
CA SER B 804 -16.97 16.04 7.71
C SER B 804 -16.93 16.88 8.99
N THR B 805 -16.94 18.19 8.82
CA THR B 805 -16.91 19.10 9.95
C THR B 805 -18.19 18.98 10.78
N MET B 806 -19.03 18.01 10.43
CA MET B 806 -20.26 17.75 11.17
C MET B 806 -20.17 16.45 11.95
N ALA B 807 -19.65 15.40 11.31
CA ALA B 807 -19.46 14.13 11.98
C ALA B 807 -18.45 14.29 13.10
N ILE B 808 -17.52 15.22 12.92
CA ILE B 808 -16.49 15.50 13.91
C ILE B 808 -17.09 16.07 15.19
N ILE B 809 -18.09 16.94 15.05
CA ILE B 809 -18.73 17.54 16.22
C ILE B 809 -19.81 16.64 16.80
N VAL B 810 -20.26 15.67 16.01
CA VAL B 810 -21.20 14.67 16.50
C VAL B 810 -20.46 13.58 17.26
N ASN B 811 -19.42 13.04 16.63
CA ASN B 811 -18.53 12.08 17.28
C ASN B 811 -18.05 12.61 18.61
N LYS B 812 -17.95 13.93 18.70
CA LYS B 812 -17.47 14.60 19.92
C LYS B 812 -18.60 14.82 20.90
N LEU B 813 -19.58 15.62 20.50
CA LEU B 813 -20.72 15.96 21.37
C LEU B 813 -21.54 14.73 21.73
N GLY B 814 -22.08 14.07 20.71
CA GLY B 814 -22.90 12.89 20.92
C GLY B 814 -24.27 13.21 21.47
N GLY B 815 -24.52 12.82 22.71
CA GLY B 815 -25.83 12.98 23.33
C GLY B 815 -26.34 14.41 23.40
N HIS B 816 -25.42 15.38 23.41
CA HIS B 816 -25.82 16.78 23.55
C HIS B 816 -26.32 17.40 22.25
N ILE B 817 -26.16 16.68 21.15
CA ILE B 817 -26.65 17.16 19.85
C ILE B 817 -27.66 16.18 19.27
N THR B 818 -27.95 15.12 20.01
CA THR B 818 -28.91 14.11 19.58
C THR B 818 -30.25 14.73 19.17
N ALA B 819 -30.70 15.70 19.94
CA ALA B 819 -32.00 16.33 19.71
C ALA B 819 -32.00 17.24 18.49
N GLU B 820 -30.82 17.67 18.06
CA GLU B 820 -30.70 18.57 16.92
C GLU B 820 -30.45 17.84 15.61
N ILE B 821 -30.36 16.51 15.67
CA ILE B 821 -30.14 15.70 14.47
C ILE B 821 -31.25 15.87 13.43
N PRO B 822 -32.52 15.81 13.86
CA PRO B 822 -33.61 16.02 12.91
C PRO B 822 -33.42 17.30 12.13
N GLN B 823 -32.99 18.36 12.81
CA GLN B 823 -32.77 19.65 12.18
C GLN B 823 -31.59 19.60 11.22
N ILE B 824 -30.60 18.76 11.54
CA ILE B 824 -29.43 18.59 10.71
C ILE B 824 -29.76 17.86 9.41
N PHE B 825 -30.30 16.66 9.55
CA PHE B 825 -30.66 15.84 8.39
C PHE B 825 -31.66 16.57 7.49
N ASP B 826 -32.66 17.19 8.11
CA ASP B 826 -33.68 17.91 7.37
C ASP B 826 -33.08 18.96 6.44
N ALA B 827 -31.81 19.28 6.68
CA ALA B 827 -31.15 20.34 5.92
C ALA B 827 -30.06 19.83 4.98
N VAL B 828 -29.44 18.71 5.34
CA VAL B 828 -28.28 18.22 4.58
C VAL B 828 -28.36 16.76 4.15
N PHE B 829 -29.47 16.10 4.46
CA PHE B 829 -29.58 14.67 4.16
C PHE B 829 -30.11 14.38 2.76
N GLU B 830 -31.35 14.77 2.50
CA GLU B 830 -32.01 14.43 1.24
C GLU B 830 -31.43 15.18 0.05
N CYS B 831 -30.82 16.33 0.30
CA CYS B 831 -30.21 17.12 -0.77
C CYS B 831 -28.85 16.58 -1.16
N THR B 832 -28.13 16.04 -0.17
CA THR B 832 -26.82 15.43 -0.44
C THR B 832 -27.00 14.06 -1.07
N LEU B 833 -28.06 13.37 -0.66
CA LEU B 833 -28.33 12.02 -1.16
C LEU B 833 -28.87 12.06 -2.59
N ASN B 834 -29.43 13.19 -2.98
CA ASN B 834 -29.93 13.39 -4.35
C ASN B 834 -28.82 13.80 -5.30
N MET B 835 -27.58 13.65 -4.85
CA MET B 835 -26.41 13.97 -5.67
C MET B 835 -25.60 12.71 -5.93
N ILE B 836 -25.72 11.75 -5.02
CA ILE B 836 -24.87 10.56 -5.05
C ILE B 836 -25.62 9.26 -5.35
N ASN B 837 -26.91 9.38 -5.65
CA ASN B 837 -27.73 8.19 -5.89
C ASN B 837 -28.01 7.93 -7.37
N LYS B 838 -27.27 8.62 -8.23
CA LYS B 838 -27.47 8.51 -9.68
C LYS B 838 -26.33 7.73 -10.34
N ASP B 839 -25.39 7.26 -9.53
CA ASP B 839 -24.30 6.42 -9.99
C ASP B 839 -23.40 6.03 -8.82
N PHE B 840 -22.17 5.63 -9.12
CA PHE B 840 -21.19 5.30 -8.08
C PHE B 840 -19.92 6.12 -8.29
N GLU B 841 -20.07 7.36 -8.75
CA GLU B 841 -18.91 8.15 -9.16
C GLU B 841 -18.97 9.60 -8.70
N GLU B 842 -19.91 10.36 -9.25
CA GLU B 842 -19.96 11.81 -9.04
C GLU B 842 -19.86 12.21 -7.57
N TYR B 843 -19.35 13.42 -7.33
CA TYR B 843 -19.24 13.96 -5.97
C TYR B 843 -18.67 12.94 -4.99
N PRO B 844 -17.40 12.56 -5.20
CA PRO B 844 -16.72 11.55 -4.38
C PRO B 844 -16.57 11.98 -2.94
N GLU B 845 -16.10 13.20 -2.71
CA GLU B 845 -15.91 13.70 -1.36
C GLU B 845 -17.23 13.72 -0.59
N HIS B 846 -18.31 14.09 -1.27
CA HIS B 846 -19.63 14.12 -0.66
C HIS B 846 -20.09 12.71 -0.31
N ARG B 847 -19.60 11.74 -1.07
CA ARG B 847 -19.91 10.33 -0.80
C ARG B 847 -19.30 9.88 0.52
N THR B 848 -18.00 10.06 0.65
CA THR B 848 -17.27 9.63 1.84
C THR B 848 -17.69 10.43 3.07
N ASN B 849 -17.71 11.75 2.94
CA ASN B 849 -18.08 12.62 4.06
C ASN B 849 -19.48 12.33 4.59
N PHE B 850 -20.40 12.01 3.69
CA PHE B 850 -21.79 11.73 4.08
C PHE B 850 -21.89 10.51 4.99
N PHE B 851 -21.37 9.39 4.52
CA PHE B 851 -21.48 8.13 5.25
C PHE B 851 -20.59 8.09 6.49
N LEU B 852 -19.62 9.01 6.56
CA LEU B 852 -18.84 9.18 7.78
C LEU B 852 -19.71 9.88 8.81
N LEU B 853 -20.53 10.82 8.33
CA LEU B 853 -21.48 11.51 9.18
C LEU B 853 -22.55 10.55 9.68
N LEU B 854 -22.97 9.64 8.80
CA LEU B 854 -23.99 8.67 9.15
C LEU B 854 -23.47 7.69 10.18
N GLN B 855 -22.18 7.36 10.08
CA GLN B 855 -21.53 6.47 11.03
C GLN B 855 -21.50 7.13 12.40
N ALA B 856 -21.28 8.45 12.41
CA ALA B 856 -21.26 9.21 13.64
C ALA B 856 -22.60 9.14 14.37
N VAL B 857 -23.66 9.54 13.68
CA VAL B 857 -24.99 9.57 14.28
C VAL B 857 -25.43 8.19 14.74
N ASN B 858 -25.24 7.19 13.89
CA ASN B 858 -25.66 5.83 14.19
C ASN B 858 -24.93 5.21 15.39
N SER B 859 -23.65 5.50 15.50
CA SER B 859 -22.82 4.87 16.54
C SER B 859 -22.91 5.59 17.88
N HIS B 860 -23.32 6.85 17.86
CA HIS B 860 -23.44 7.63 19.08
C HIS B 860 -24.88 8.03 19.38
N CYS B 861 -25.48 8.79 18.47
CA CYS B 861 -26.84 9.28 18.65
C CYS B 861 -27.87 8.32 18.05
N PHE B 862 -27.76 7.04 18.38
CA PHE B 862 -28.70 6.03 17.89
C PHE B 862 -30.15 6.31 18.32
N PRO B 863 -30.34 6.80 19.57
CA PRO B 863 -31.70 7.13 20.02
C PRO B 863 -32.37 8.19 19.15
N ALA B 864 -31.66 8.73 18.18
CA ALA B 864 -32.21 9.74 17.27
C ALA B 864 -32.86 9.10 16.05
N PHE B 865 -32.55 7.83 15.82
CA PHE B 865 -33.17 7.09 14.72
C PHE B 865 -34.53 6.55 15.13
N LEU B 866 -34.79 6.53 16.43
CA LEU B 866 -36.05 6.02 16.96
C LEU B 866 -37.10 7.12 17.05
N ALA B 867 -36.64 8.35 17.29
CA ALA B 867 -37.53 9.50 17.43
C ALA B 867 -37.92 10.09 16.09
N ILE B 868 -37.67 9.33 15.02
CA ILE B 868 -38.07 9.76 13.68
C ILE B 868 -38.96 8.72 13.03
N PRO B 869 -39.98 9.17 12.27
CA PRO B 869 -40.95 8.31 11.60
C PRO B 869 -40.28 7.15 10.87
N PRO B 870 -40.88 5.96 10.92
CA PRO B 870 -40.37 4.77 10.22
C PRO B 870 -40.27 4.99 8.71
N ALA B 871 -40.83 6.10 8.22
CA ALA B 871 -40.76 6.42 6.81
C ALA B 871 -39.43 7.09 6.45
N GLN B 872 -38.89 7.86 7.39
CA GLN B 872 -37.60 8.49 7.21
C GLN B 872 -36.50 7.46 7.43
N PHE B 873 -36.65 6.67 8.49
CA PHE B 873 -35.68 5.64 8.84
C PHE B 873 -35.47 4.66 7.68
N LYS B 874 -36.54 4.39 6.94
CA LYS B 874 -36.46 3.48 5.81
C LYS B 874 -35.55 4.05 4.73
N LEU B 875 -35.61 5.36 4.54
CA LEU B 875 -34.76 6.05 3.57
C LEU B 875 -33.32 6.10 4.07
N VAL B 876 -33.14 5.87 5.37
CA VAL B 876 -31.81 5.87 5.98
C VAL B 876 -31.15 4.50 5.83
N LEU B 877 -31.88 3.45 6.21
CA LEU B 877 -31.38 2.09 6.05
C LEU B 877 -31.19 1.78 4.57
N ASP B 878 -32.00 2.45 3.74
CA ASP B 878 -31.91 2.31 2.30
C ASP B 878 -30.65 2.98 1.79
N SER B 879 -30.17 3.96 2.56
CA SER B 879 -28.96 4.70 2.21
C SER B 879 -27.72 3.88 2.56
N ILE B 880 -27.77 3.20 3.70
CA ILE B 880 -26.66 2.37 4.15
C ILE B 880 -26.38 1.23 3.18
N ILE B 881 -27.45 0.67 2.61
CA ILE B 881 -27.33 -0.36 1.59
C ILE B 881 -26.62 0.21 0.36
N TRP B 882 -27.02 1.42 0.00
CA TRP B 882 -26.41 2.13 -1.12
C TRP B 882 -24.90 2.30 -0.90
N ALA B 883 -24.52 2.35 0.38
CA ALA B 883 -23.12 2.57 0.75
C ALA B 883 -22.24 1.36 0.43
N PHE B 884 -22.51 0.23 1.06
CA PHE B 884 -21.67 -0.95 0.87
C PHE B 884 -21.91 -1.64 -0.46
N LYS B 885 -22.61 -0.95 -1.36
CA LYS B 885 -22.74 -1.41 -2.74
C LYS B 885 -21.82 -0.63 -3.65
N HIS B 886 -21.01 0.24 -3.05
CA HIS B 886 -20.03 1.03 -3.80
C HIS B 886 -18.79 0.21 -4.14
N THR B 887 -18.07 0.64 -5.16
CA THR B 887 -16.77 0.06 -5.47
C THR B 887 -15.68 0.88 -4.79
N MET B 888 -16.04 2.07 -4.34
CA MET B 888 -15.15 2.89 -3.54
C MET B 888 -14.81 2.15 -2.25
N ARG B 889 -13.69 1.43 -2.28
CA ARG B 889 -13.31 0.52 -1.20
C ARG B 889 -13.51 1.11 0.20
N ASN B 890 -13.33 2.43 0.32
CA ASN B 890 -13.47 3.08 1.62
C ASN B 890 -14.93 3.36 1.99
N VAL B 891 -15.71 3.87 1.02
CA VAL B 891 -17.12 4.14 1.24
C VAL B 891 -17.89 2.83 1.46
N ALA B 892 -17.56 1.83 0.65
CA ALA B 892 -18.20 0.53 0.76
C ALA B 892 -18.00 -0.06 2.15
N ASP B 893 -16.89 0.31 2.77
CA ASP B 893 -16.56 -0.20 4.10
C ASP B 893 -17.30 0.59 5.19
N THR B 894 -17.46 1.89 4.96
CA THR B 894 -18.16 2.74 5.91
C THR B 894 -19.60 2.25 6.06
N GLY B 895 -20.19 1.82 4.96
CA GLY B 895 -21.54 1.29 4.97
C GLY B 895 -21.67 0.02 5.77
N LEU B 896 -20.75 -0.92 5.55
CA LEU B 896 -20.74 -2.17 6.29
C LEU B 896 -20.51 -1.92 7.78
N GLN B 897 -19.72 -0.90 8.08
CA GLN B 897 -19.43 -0.52 9.45
C GLN B 897 -20.71 -0.12 10.18
N ILE B 898 -21.57 0.64 9.50
CA ILE B 898 -22.81 1.10 10.11
C ILE B 898 -23.80 -0.05 10.30
N LEU B 899 -23.93 -0.89 9.27
CA LEU B 899 -24.88 -2.00 9.30
C LEU B 899 -24.66 -2.89 10.53
N PHE B 900 -23.40 -3.21 10.81
CA PHE B 900 -23.08 -4.07 11.95
C PHE B 900 -23.38 -3.35 13.26
N THR B 901 -23.00 -2.07 13.33
CA THR B 901 -23.25 -1.27 14.53
C THR B 901 -24.74 -0.96 14.67
N LEU B 902 -25.46 -1.02 13.55
CA LEU B 902 -26.90 -0.81 13.54
C LEU B 902 -27.59 -2.01 14.17
N LEU B 903 -27.27 -3.19 13.66
CA LEU B 903 -27.85 -4.44 14.16
C LEU B 903 -27.59 -4.62 15.65
N GLN B 904 -26.51 -4.01 16.15
CA GLN B 904 -26.14 -4.12 17.55
C GLN B 904 -26.91 -3.14 18.43
N ASN B 905 -27.05 -1.91 17.97
CA ASN B 905 -27.78 -0.89 18.72
C ASN B 905 -29.28 -1.20 18.77
N VAL B 906 -29.78 -1.84 17.73
CA VAL B 906 -31.18 -2.23 17.65
C VAL B 906 -31.50 -3.34 18.64
N ALA B 907 -30.54 -4.25 18.84
CA ALA B 907 -30.73 -5.37 19.75
C ALA B 907 -30.66 -4.94 21.21
N GLN B 908 -31.08 -3.70 21.48
CA GLN B 908 -31.08 -3.17 22.84
C GLN B 908 -32.51 -2.94 23.33
N GLU B 909 -33.33 -2.37 22.46
CA GLU B 909 -34.73 -2.09 22.80
C GLU B 909 -35.65 -3.04 22.04
N GLU B 910 -36.00 -4.15 22.68
CA GLU B 910 -36.84 -5.16 22.06
C GLU B 910 -38.07 -4.58 21.37
N ALA B 911 -38.54 -3.43 21.87
CA ALA B 911 -39.70 -2.76 21.28
C ALA B 911 -39.48 -2.50 19.80
N ALA B 912 -38.55 -1.61 19.47
CA ALA B 912 -38.24 -1.28 18.09
C ALA B 912 -37.32 -2.32 17.46
N ALA B 913 -36.81 -3.23 18.29
CA ALA B 913 -35.92 -4.28 17.81
C ALA B 913 -36.66 -5.31 16.97
N GLN B 914 -37.63 -5.98 17.59
CA GLN B 914 -38.44 -6.98 16.89
C GLN B 914 -39.12 -6.37 15.68
N SER B 915 -39.52 -5.11 15.80
CA SER B 915 -40.14 -4.40 14.69
C SER B 915 -39.16 -4.28 13.52
N PHE B 916 -37.89 -4.16 13.85
CA PHE B 916 -36.83 -4.04 12.85
C PHE B 916 -36.55 -5.36 12.16
N TYR B 917 -36.44 -6.43 12.94
CA TYR B 917 -36.20 -7.76 12.39
C TYR B 917 -37.33 -8.17 11.46
N GLN B 918 -38.50 -7.57 11.67
CA GLN B 918 -39.67 -7.89 10.87
C GLN B 918 -39.58 -7.27 9.48
N THR B 919 -39.63 -5.94 9.44
CA THR B 919 -39.78 -5.22 8.17
C THR B 919 -38.47 -5.05 7.39
N TYR B 920 -37.40 -5.68 7.84
CA TYR B 920 -36.10 -5.49 7.18
C TYR B 920 -35.26 -6.76 7.05
N PHE B 921 -35.04 -7.44 8.17
CA PHE B 921 -34.11 -8.57 8.23
C PHE B 921 -33.97 -9.33 6.91
N CYS B 922 -35.08 -9.85 6.39
CA CYS B 922 -35.06 -10.63 5.16
C CYS B 922 -34.44 -9.86 3.99
N ASP B 923 -34.84 -8.61 3.83
CA ASP B 923 -34.36 -7.78 2.73
C ASP B 923 -32.88 -7.45 2.87
N ILE B 924 -32.46 -7.12 4.09
CA ILE B 924 -31.04 -6.83 4.35
C ILE B 924 -30.18 -8.05 4.03
N LEU B 925 -30.59 -9.20 4.55
CA LEU B 925 -29.88 -10.44 4.32
C LEU B 925 -29.83 -10.75 2.82
N GLN B 926 -30.74 -10.15 2.08
CA GLN B 926 -30.79 -10.32 0.63
C GLN B 926 -29.79 -9.41 -0.08
N HIS B 927 -29.66 -8.19 0.44
CA HIS B 927 -28.71 -7.22 -0.12
C HIS B 927 -27.27 -7.59 0.19
N ILE B 928 -27.01 -7.89 1.46
CA ILE B 928 -25.67 -8.27 1.89
C ILE B 928 -25.21 -9.54 1.16
N PHE B 929 -26.15 -10.20 0.49
CA PHE B 929 -25.84 -11.39 -0.29
C PHE B 929 -25.57 -11.03 -1.75
N SER B 930 -26.21 -9.98 -2.23
CA SER B 930 -25.98 -9.50 -3.60
C SER B 930 -24.56 -8.94 -3.70
N VAL B 931 -24.00 -8.62 -2.54
CA VAL B 931 -22.65 -8.05 -2.47
C VAL B 931 -21.60 -9.15 -2.37
N VAL B 932 -21.86 -10.14 -1.52
CA VAL B 932 -20.93 -11.25 -1.33
C VAL B 932 -20.64 -11.97 -2.64
N THR B 933 -21.69 -12.38 -3.35
CA THR B 933 -21.54 -13.13 -4.59
C THR B 933 -21.05 -12.27 -5.75
N ASP B 934 -20.59 -11.06 -5.43
CA ASP B 934 -20.07 -10.15 -6.44
C ASP B 934 -18.54 -10.05 -6.34
N THR B 935 -17.86 -10.28 -7.45
CA THR B 935 -16.40 -10.23 -7.48
C THR B 935 -15.89 -8.79 -7.60
N SER B 936 -16.34 -7.94 -6.69
CA SER B 936 -15.90 -6.55 -6.65
C SER B 936 -16.06 -6.00 -5.24
N HIS B 937 -16.42 -6.87 -4.31
CA HIS B 937 -16.59 -6.49 -2.91
C HIS B 937 -15.86 -7.46 -2.02
N THR B 938 -15.10 -8.38 -2.63
CA THR B 938 -14.32 -9.36 -1.88
C THR B 938 -13.33 -8.67 -0.95
N ALA B 939 -13.10 -7.39 -1.19
CA ALA B 939 -12.20 -6.59 -0.35
C ALA B 939 -12.67 -6.59 1.10
N GLY B 940 -13.79 -5.91 1.35
CA GLY B 940 -14.34 -5.83 2.69
C GLY B 940 -15.12 -7.07 3.07
N LEU B 941 -14.64 -8.23 2.61
CA LEU B 941 -15.31 -9.50 2.85
C LEU B 941 -15.41 -9.83 4.34
N THR B 942 -14.33 -9.57 5.07
CA THR B 942 -14.29 -9.86 6.50
C THR B 942 -15.47 -9.24 7.25
N MET B 943 -16.00 -8.14 6.72
CA MET B 943 -17.19 -7.53 7.29
C MET B 943 -18.45 -8.29 6.91
N HIS B 944 -18.45 -8.86 5.71
CA HIS B 944 -19.55 -9.71 5.27
C HIS B 944 -19.71 -10.87 6.24
N ALA B 945 -18.71 -11.73 6.29
CA ALA B 945 -18.72 -12.89 7.18
C ALA B 945 -19.08 -12.50 8.61
N SER B 946 -18.57 -11.36 9.05
CA SER B 946 -18.85 -10.86 10.40
C SER B 946 -20.33 -10.57 10.62
N ILE B 947 -20.95 -9.95 9.63
CA ILE B 947 -22.37 -9.60 9.72
C ILE B 947 -23.27 -10.80 9.45
N LEU B 948 -22.96 -11.56 8.40
CA LEU B 948 -23.73 -12.74 8.06
C LEU B 948 -23.73 -13.74 9.22
N ALA B 949 -22.63 -13.79 9.96
CA ALA B 949 -22.52 -14.68 11.11
C ALA B 949 -23.42 -14.19 12.25
N TYR B 950 -23.37 -12.89 12.51
CA TYR B 950 -24.19 -12.30 13.57
C TYR B 950 -25.68 -12.40 13.27
N MET B 951 -26.02 -12.40 11.98
CA MET B 951 -27.42 -12.52 11.57
C MET B 951 -27.94 -13.94 11.72
N PHE B 952 -27.09 -14.93 11.44
CA PHE B 952 -27.47 -16.32 11.53
C PHE B 952 -27.40 -16.86 12.96
N ASN B 953 -26.62 -16.18 13.80
CA ASN B 953 -26.57 -16.52 15.21
C ASN B 953 -27.74 -15.87 15.93
N LEU B 954 -28.24 -14.78 15.35
CA LEU B 954 -29.38 -14.06 15.88
C LEU B 954 -30.66 -14.80 15.54
N VAL B 955 -30.57 -15.70 14.56
CA VAL B 955 -31.71 -16.50 14.14
C VAL B 955 -31.92 -17.70 15.07
N GLU B 956 -30.87 -18.10 15.76
CA GLU B 956 -30.94 -19.25 16.67
C GLU B 956 -31.53 -18.88 18.03
N GLU B 957 -31.87 -17.61 18.22
CA GLU B 957 -32.46 -17.15 19.48
C GLU B 957 -33.25 -15.85 19.32
N GLY B 958 -32.59 -14.83 18.78
CA GLY B 958 -33.14 -13.48 18.68
C GLY B 958 -34.60 -13.35 18.31
N LYS B 959 -34.88 -13.35 17.00
CA LYS B 959 -36.23 -13.10 16.51
C LYS B 959 -37.29 -13.92 17.24
N ILE B 960 -38.35 -13.24 17.67
CA ILE B 960 -39.42 -13.86 18.45
C ILE B 960 -40.79 -13.67 17.82
N SER B 961 -40.80 -13.44 16.51
CA SER B 961 -42.06 -13.22 15.80
C SER B 961 -42.20 -14.11 14.56
N THR B 962 -42.57 -13.49 13.44
CA THR B 962 -42.80 -14.23 12.21
C THR B 962 -42.50 -13.40 10.96
N PRO B 963 -41.51 -13.84 10.17
CA PRO B 963 -41.21 -13.24 8.86
C PRO B 963 -42.34 -13.57 7.90
N LEU B 964 -42.74 -14.84 7.86
CA LEU B 964 -43.88 -15.30 7.09
C LEU B 964 -44.57 -16.48 7.76
N ASN B 965 -45.42 -17.16 7.00
CA ASN B 965 -46.30 -18.21 7.51
C ASN B 965 -45.79 -19.00 8.73
N PRO B 966 -44.72 -19.78 8.55
CA PRO B 966 -44.27 -20.70 9.60
C PRO B 966 -44.15 -20.02 10.96
N ASN B 971 -42.11 -23.12 12.92
CA ASN B 971 -40.77 -22.65 13.23
C ASN B 971 -40.42 -21.39 12.46
N ASN B 972 -39.34 -20.73 12.85
CA ASN B 972 -38.93 -19.48 12.22
C ASN B 972 -37.60 -19.61 11.48
N GLN B 973 -36.61 -20.22 12.15
CA GLN B 973 -35.31 -20.44 11.55
C GLN B 973 -35.44 -21.20 10.23
N MET B 974 -36.20 -22.29 10.26
CA MET B 974 -36.43 -23.11 9.08
C MET B 974 -36.77 -22.28 7.86
N PHE B 975 -37.56 -21.23 8.06
CA PHE B 975 -37.97 -20.37 6.96
C PHE B 975 -36.77 -19.71 6.28
N ILE B 976 -35.86 -19.17 7.08
CA ILE B 976 -34.67 -18.51 6.55
C ILE B 976 -33.73 -19.50 5.85
N GLN B 977 -33.55 -20.68 6.44
CA GLN B 977 -32.69 -21.69 5.86
C GLN B 977 -33.15 -22.09 4.46
N ASP B 978 -34.45 -21.93 4.22
CA ASP B 978 -35.01 -22.20 2.90
C ASP B 978 -35.03 -20.93 2.06
N TYR B 979 -35.53 -19.84 2.63
CA TYR B 979 -35.60 -18.56 1.94
C TYR B 979 -34.28 -18.21 1.27
N VAL B 980 -33.19 -18.32 2.02
CA VAL B 980 -31.85 -18.07 1.48
C VAL B 980 -31.52 -19.05 0.37
N ALA B 981 -31.80 -20.33 0.61
CA ALA B 981 -31.53 -21.38 -0.37
C ALA B 981 -32.26 -21.13 -1.68
N ASN B 982 -33.58 -21.01 -1.60
CA ASN B 982 -34.41 -20.76 -2.79
C ASN B 982 -34.10 -19.42 -3.44
N LEU B 983 -33.31 -18.60 -2.75
CA LEU B 983 -32.90 -17.31 -3.27
C LEU B 983 -31.59 -17.45 -4.04
N LEU B 984 -30.71 -18.33 -3.56
CA LEU B 984 -29.45 -18.60 -4.22
C LEU B 984 -29.67 -19.48 -5.45
N LYS B 985 -30.43 -20.55 -5.25
CA LYS B 985 -30.75 -21.49 -6.34
C LYS B 985 -31.38 -20.78 -7.52
N SER B 986 -32.03 -19.66 -7.27
CA SER B 986 -32.71 -18.91 -8.32
C SER B 986 -31.73 -18.06 -9.14
N ALA B 987 -30.90 -17.29 -8.45
CA ALA B 987 -29.93 -16.42 -9.12
C ALA B 987 -28.77 -17.22 -9.69
N PHE B 988 -28.52 -18.39 -9.13
CA PHE B 988 -27.48 -19.28 -9.61
C PHE B 988 -28.07 -20.67 -9.87
N PRO B 989 -28.85 -20.80 -10.95
CA PRO B 989 -29.58 -22.03 -11.29
C PRO B 989 -28.64 -23.21 -11.59
N HIS B 990 -27.41 -22.91 -11.99
CA HIS B 990 -26.45 -23.94 -12.35
C HIS B 990 -25.85 -24.62 -11.12
N LEU B 991 -26.46 -24.41 -9.96
CA LEU B 991 -26.00 -25.03 -8.73
C LEU B 991 -26.92 -26.19 -8.35
N GLN B 992 -26.39 -27.41 -8.34
CA GLN B 992 -27.17 -28.57 -7.92
C GLN B 992 -27.64 -28.39 -6.48
N ASP B 993 -28.85 -28.86 -6.20
CA ASP B 993 -29.48 -28.65 -4.90
C ASP B 993 -28.74 -29.30 -3.74
N ALA B 994 -27.59 -29.88 -4.03
CA ALA B 994 -26.76 -30.49 -3.00
C ALA B 994 -25.80 -29.45 -2.39
N GLN B 995 -24.99 -28.86 -3.26
CA GLN B 995 -24.00 -27.87 -2.82
C GLN B 995 -24.67 -26.63 -2.22
N VAL B 996 -25.92 -26.38 -2.61
CA VAL B 996 -26.67 -25.25 -2.07
C VAL B 996 -27.18 -25.56 -0.67
N LYS B 997 -27.64 -26.79 -0.48
CA LYS B 997 -28.07 -27.25 0.84
C LYS B 997 -26.89 -27.28 1.80
N LEU B 998 -25.77 -27.80 1.33
CA LEU B 998 -24.56 -27.89 2.14
C LEU B 998 -24.06 -26.51 2.55
N PHE B 999 -24.01 -25.59 1.58
CA PHE B 999 -23.54 -24.24 1.84
C PHE B 999 -24.38 -23.54 2.90
N VAL B 1000 -25.70 -23.53 2.69
CA VAL B 1000 -26.62 -22.90 3.63
C VAL B 1000 -26.47 -23.50 5.04
N THR B 1001 -26.18 -24.80 5.09
CA THR B 1001 -25.95 -25.47 6.36
C THR B 1001 -24.74 -24.88 7.08
N GLY B 1002 -23.63 -24.75 6.35
CA GLY B 1002 -22.41 -24.20 6.91
C GLY B 1002 -22.61 -22.83 7.50
N LEU B 1003 -23.50 -22.05 6.89
CA LEU B 1003 -23.77 -20.70 7.36
C LEU B 1003 -24.31 -20.70 8.79
N PHE B 1004 -24.69 -21.88 9.27
CA PHE B 1004 -25.14 -22.06 10.64
C PHE B 1004 -24.11 -22.82 11.48
N SER B 1005 -23.38 -23.72 10.83
CA SER B 1005 -22.34 -24.48 11.50
C SER B 1005 -21.25 -23.54 12.01
N LEU B 1006 -20.42 -23.06 11.08
CA LEU B 1006 -19.37 -22.11 11.41
C LEU B 1006 -19.91 -20.69 11.46
N ASN B 1007 -21.12 -20.54 12.00
CA ASN B 1007 -21.75 -19.23 12.14
C ASN B 1007 -21.21 -18.50 13.36
N GLN B 1008 -20.24 -19.12 14.02
CA GLN B 1008 -19.61 -18.54 15.20
C GLN B 1008 -18.09 -18.67 15.08
N ASP B 1009 -17.62 -18.83 13.85
CA ASP B 1009 -16.20 -18.94 13.56
C ASP B 1009 -15.88 -18.11 12.32
N ILE B 1010 -15.84 -16.79 12.49
CA ILE B 1010 -15.64 -15.86 11.38
C ILE B 1010 -14.40 -16.12 10.52
N PRO B 1011 -13.30 -16.62 11.13
CA PRO B 1011 -12.14 -16.94 10.29
C PRO B 1011 -12.45 -18.01 9.24
N ALA B 1012 -13.11 -19.08 9.65
CA ALA B 1012 -13.48 -20.15 8.73
C ALA B 1012 -14.71 -19.77 7.92
N PHE B 1013 -15.63 -19.04 8.55
CA PHE B 1013 -16.82 -18.54 7.89
C PHE B 1013 -16.41 -17.74 6.66
N LYS B 1014 -15.45 -16.83 6.85
CA LYS B 1014 -14.91 -16.03 5.78
C LYS B 1014 -14.38 -16.92 4.65
N GLU B 1015 -13.79 -18.05 5.02
CA GLU B 1015 -13.27 -19.00 4.05
C GLU B 1015 -14.38 -19.80 3.37
N HIS B 1016 -15.45 -20.05 4.11
CA HIS B 1016 -16.59 -20.79 3.59
C HIS B 1016 -17.37 -19.97 2.57
N LEU B 1017 -17.28 -18.65 2.68
CA LEU B 1017 -17.91 -17.75 1.72
C LEU B 1017 -17.13 -17.73 0.41
N ARG B 1018 -15.83 -17.48 0.52
CA ARG B 1018 -14.95 -17.55 -0.64
C ARG B 1018 -15.04 -18.94 -1.27
N ASP B 1019 -15.29 -19.93 -0.44
CA ASP B 1019 -15.40 -21.31 -0.89
C ASP B 1019 -16.69 -21.51 -1.68
N PHE B 1020 -17.61 -20.58 -1.51
CA PHE B 1020 -18.88 -20.60 -2.25
C PHE B 1020 -18.76 -19.77 -3.53
N LEU B 1021 -18.04 -18.66 -3.42
CA LEU B 1021 -17.83 -17.76 -4.56
C LEU B 1021 -17.01 -18.47 -5.64
N VAL B 1022 -16.43 -19.60 -5.30
CA VAL B 1022 -15.66 -20.40 -6.25
C VAL B 1022 -16.57 -21.37 -7.00
N GLN B 1023 -17.56 -21.90 -6.30
CA GLN B 1023 -18.48 -22.88 -6.88
C GLN B 1023 -19.42 -22.26 -7.90
N ILE B 1024 -19.84 -21.01 -7.64
CA ILE B 1024 -20.81 -20.34 -8.50
C ILE B 1024 -20.20 -19.88 -9.81
N LYS B 1025 -18.87 -19.97 -9.91
CA LYS B 1025 -18.17 -19.54 -11.11
C LYS B 1025 -18.09 -20.66 -12.15
N GLU B 1026 -18.51 -21.85 -11.77
CA GLU B 1026 -18.47 -23.00 -12.66
C GLU B 1026 -19.77 -23.78 -12.68
N PHE B 1027 -20.14 -24.28 -13.85
CA PHE B 1027 -21.29 -25.17 -13.98
C PHE B 1027 -20.88 -26.56 -13.54
N ALA B 1028 -21.02 -26.83 -12.25
CA ALA B 1028 -20.56 -28.09 -11.67
C ALA B 1028 -21.33 -29.31 -12.18
N GLY B 1029 -22.17 -29.09 -13.20
CA GLY B 1029 -22.97 -30.16 -13.76
C GLY B 1029 -24.10 -30.57 -12.83
N GLU B 1030 -25.04 -31.35 -13.35
CA GLU B 1030 -26.16 -31.82 -12.56
C GLU B 1030 -25.69 -32.73 -11.42
N ASP B 1031 -24.83 -33.69 -11.75
CA ASP B 1031 -24.30 -34.62 -10.76
C ASP B 1031 -22.85 -34.98 -11.06
N THR B 1032 -22.03 -35.01 -10.00
CA THR B 1032 -20.62 -35.39 -10.13
C THR B 1032 -20.08 -35.89 -8.81
N SER B 1033 -20.56 -35.29 -7.71
CA SER B 1033 -20.11 -35.65 -6.37
C SER B 1033 -18.61 -35.42 -6.20
N ASP B 1034 -18.16 -34.22 -6.57
CA ASP B 1034 -16.74 -33.88 -6.46
C ASP B 1034 -16.50 -32.81 -5.40
N LEU B 1035 -17.58 -32.26 -4.86
CA LEU B 1035 -17.48 -31.33 -3.75
C LEU B 1035 -17.00 -32.08 -2.51
N PHE B 1036 -16.94 -33.40 -2.63
CA PHE B 1036 -16.53 -34.26 -1.52
C PHE B 1036 -17.41 -33.98 -0.31
N LEU B 1037 -18.68 -34.32 -0.44
CA LEU B 1037 -19.67 -34.04 0.60
C LEU B 1037 -19.23 -34.54 1.97
N GLU B 1038 -18.91 -35.83 2.06
CA GLU B 1038 -18.54 -36.46 3.32
C GLU B 1038 -17.32 -35.79 3.97
N GLU B 1039 -16.61 -34.99 3.18
CA GLU B 1039 -15.44 -34.28 3.69
C GLU B 1039 -15.80 -32.87 4.13
N ARG B 1040 -16.61 -32.19 3.33
CA ARG B 1040 -17.06 -30.84 3.65
C ARG B 1040 -18.16 -30.90 4.69
N GLU B 1041 -18.76 -32.07 4.86
CA GLU B 1041 -19.86 -32.26 5.81
C GLU B 1041 -19.32 -32.55 7.20
N THR B 1042 -18.37 -33.48 7.29
CA THR B 1042 -17.74 -33.80 8.56
C THR B 1042 -16.80 -32.67 8.97
N ALA B 1043 -16.82 -31.59 8.20
CA ALA B 1043 -16.06 -30.39 8.53
C ALA B 1043 -16.98 -29.32 9.07
N LEU B 1044 -18.24 -29.36 8.64
CA LEU B 1044 -19.25 -28.43 9.14
C LEU B 1044 -19.85 -28.94 10.44
N ARG B 1045 -19.93 -30.26 10.57
CA ARG B 1045 -20.35 -30.88 11.81
C ARG B 1045 -19.21 -30.79 12.83
N GLN B 1046 -17.99 -30.79 12.32
CA GLN B 1046 -16.81 -30.67 13.17
C GLN B 1046 -16.69 -29.24 13.68
N ALA B 1047 -17.43 -28.32 13.05
CA ALA B 1047 -17.43 -26.92 13.46
C ALA B 1047 -18.68 -26.62 14.30
N GLN B 1048 -19.81 -27.16 13.87
CA GLN B 1048 -21.07 -26.98 14.60
C GLN B 1048 -20.97 -27.58 16.00
N GLU B 1049 -20.10 -28.57 16.15
CA GLU B 1049 -19.91 -29.24 17.43
C GLU B 1049 -18.81 -28.56 18.24
N GLU B 1050 -18.21 -27.53 17.66
CA GLU B 1050 -17.14 -26.79 18.32
C GLU B 1050 -17.64 -25.51 18.97
N LYS B 1051 -18.91 -25.19 18.75
CA LYS B 1051 -19.49 -23.99 19.35
C LYS B 1051 -19.68 -24.15 20.86
N HIS B 1052 -19.07 -25.20 21.41
CA HIS B 1052 -19.08 -25.44 22.85
C HIS B 1052 -17.70 -25.18 23.43
PG GTP C . -9.27 -0.24 -12.22
O1G GTP C . -8.18 -0.14 -13.26
O2G GTP C . -10.62 -0.25 -12.89
O3G GTP C . -9.12 -1.52 -11.44
O3B GTP C . -9.16 1.03 -11.21
PB GTP C . -7.72 1.47 -10.66
O1B GTP C . -6.79 1.70 -11.84
O2B GTP C . -7.14 0.40 -9.75
O3A GTP C . -7.89 2.87 -9.85
PA GTP C . -8.56 4.19 -10.48
O1A GTP C . -9.71 3.84 -11.39
O2A GTP C . -7.52 5.01 -11.21
O5' GTP C . -9.12 5.01 -9.21
C5' GTP C . -8.22 5.75 -8.42
C4' GTP C . -8.82 6.13 -7.07
O4' GTP C . -7.78 6.07 -6.11
C3' GTP C . -9.31 7.56 -7.11
O3' GTP C . -10.68 7.61 -6.80
C2' GTP C . -8.52 8.30 -6.05
O2' GTP C . -9.38 8.98 -5.16
C1' GTP C . -7.73 7.23 -5.32
N9 GTP C . -6.31 7.65 -5.19
C8 GTP C . -5.30 7.35 -6.07
N7 GTP C . -4.16 7.89 -5.59
C5 GTP C . -4.41 8.50 -4.42
C6 GTP C . -3.60 9.20 -3.52
O6 GTP C . -2.41 9.34 -3.77
N1 GTP C . -4.15 9.73 -2.38
C2 GTP C . -5.50 9.57 -2.13
N2 GTP C . -6.03 10.08 -1.02
N3 GTP C . -6.30 8.87 -3.02
C4 GTP C . -5.76 8.35 -4.15
MG MG D . -7.69 1.93 -13.99
#